data_8UUE
#
_entry.id   8UUE
#
loop_
_entity.id
_entity.type
_entity.pdbx_description
1 polymer 'Glutamate receptor ionotropic, NMDA 1'
2 polymer 'Glutamate receptor ionotropic, NMDA 3A'
#
loop_
_entity_poly.entity_id
_entity_poly.type
_entity_poly.pdbx_seq_one_letter_code
_entity_poly.pdbx_strand_id
1 'polypeptide(L)'
;STRLKIVTIHQEPFVYVKPTMSDGTCKEEFTVNGDPVKKVICTGPNDTSPGSPRHTVPQCCYGFCIDLLIKLARTMNFTY
EVHLVADGKFGTQERVNNSNKKEWNGMMGELLSGQADMIVAPLTINNERAQYIEFSKPFKYQGLTILVKKEIPRSTLDSF
MQPFQSTLWLLVGLSVHVVAVMLYLLDRFSPFGRFKVNSEEEEEDALTLSSAMWFSWGVLLNSGIGEGAPRSFSARILGM
VWAGFAMIIVASYTANLAAFLVLDRPEERITGINDPRLRNPSDKFIYATVKQSSVDIYFRRQVELSTMYRHMEKHNYESA
AEAIQAVRDNKLHAFIWDSAVLEFEASQKCDLVTTGELFFRSGFGIGMRKDSPWKQNVSLSILKSHENGFMEDLDKTWVR
YQEC
;
A,C
2 'polypeptide(L)'
;SKLHLRVVTLIEHPFVFTREVDDEGLCPAGQLCLDPMTNDSSTLDSLFSSLHSSNDTVPIKFKKCCYGYCIDLLEKIAED
MNFDFDLYIVGDGKYGAWKNGHWTGLVGDLLRGTAHMAVTSFSINTARSQVIDFTSPFFSTSLGILVRTRDTAAPIGAFM
WPLHWTMWLGIFVALHITAVFLTLYEWKSPFGLTPKGRNRSKVFSFSSALNICYALLFGRTVAIKPPKCWTGRFLMNLWA
IFCMFCLSTYTANLAAVMVGEKIYEELSGIHDPKLHHPSQGFRFGTVRESSAEDYVRQSFPEMHEYMRRYNVPATPDGVE
YLKNDPEKLDAFIMDKALLDYEVSIDADCKLLTVGKPFAIEGYGIGLPPNSPLTANISELISQYKSHGFMDMLHDKWYRV
VPC
;
B,D
#
# COMPACT_ATOMS: atom_id res chain seq x y z
N SER A 1 -6.20 -36.42 36.16
CA SER A 1 -7.36 -36.65 37.03
C SER A 1 -8.47 -37.35 36.26
N THR A 2 -9.17 -36.61 35.40
CA THR A 2 -10.24 -37.16 34.58
C THR A 2 -9.69 -37.65 33.25
N ARG A 3 -10.36 -38.65 32.68
CA ARG A 3 -9.93 -39.25 31.42
C ARG A 3 -10.49 -38.43 30.27
N LEU A 4 -9.68 -37.49 29.77
CA LEU A 4 -10.08 -36.67 28.65
C LEU A 4 -10.18 -37.52 27.39
N LYS A 5 -11.29 -37.37 26.66
CA LYS A 5 -11.51 -38.10 25.42
C LYS A 5 -11.43 -37.12 24.26
N ILE A 6 -10.69 -37.49 23.24
CA ILE A 6 -10.27 -36.58 22.19
C ILE A 6 -11.11 -36.81 20.94
N VAL A 7 -11.02 -35.89 20.00
CA VAL A 7 -11.72 -36.03 18.72
C VAL A 7 -10.92 -35.34 17.61
N THR A 8 -10.55 -36.10 16.59
CA THR A 8 -9.78 -35.58 15.46
C THR A 8 -10.51 -35.93 14.17
N ILE A 9 -9.97 -35.44 13.06
CA ILE A 9 -10.51 -35.73 11.74
C ILE A 9 -9.38 -36.18 10.83
N HIS A 10 -9.73 -36.95 9.80
CA HIS A 10 -8.74 -37.49 8.88
C HIS A 10 -8.21 -36.37 8.00
N GLN A 11 -6.92 -36.05 8.16
CA GLN A 11 -6.31 -34.97 7.38
C GLN A 11 -4.81 -35.22 7.34
N GLU A 12 -4.32 -35.62 6.18
CA GLU A 12 -2.90 -35.82 5.89
C GLU A 12 -2.30 -34.52 5.34
N PRO A 13 -1.05 -34.19 5.68
CA PRO A 13 -0.07 -34.97 6.42
C PRO A 13 -0.05 -34.63 7.91
N PHE A 14 -1.16 -34.17 8.47
CA PHE A 14 -1.18 -33.91 9.91
C PHE A 14 -1.52 -35.15 10.71
N VAL A 15 -2.51 -35.93 10.27
CA VAL A 15 -2.81 -37.24 10.83
C VAL A 15 -3.03 -38.22 9.70
N TYR A 16 -2.64 -39.47 9.92
CA TYR A 16 -2.81 -40.54 8.95
C TYR A 16 -3.85 -41.52 9.44
N VAL A 17 -4.58 -42.13 8.50
CA VAL A 17 -5.62 -43.10 8.79
C VAL A 17 -5.30 -44.37 8.02
N LYS A 18 -4.82 -45.39 8.73
CA LYS A 18 -4.49 -46.67 8.13
C LYS A 18 -5.23 -47.80 8.83
N PRO A 19 -5.73 -48.78 8.08
CA PRO A 19 -6.58 -49.82 8.68
C PRO A 19 -5.80 -50.73 9.63
N THR A 20 -6.53 -51.25 10.61
CA THR A 20 -5.95 -52.21 11.55
C THR A 20 -5.64 -53.52 10.83
N MET A 21 -4.47 -54.09 11.11
CA MET A 21 -4.03 -55.31 10.46
C MET A 21 -4.36 -56.52 11.34
N SER A 22 -4.93 -57.54 10.70
CA SER A 22 -5.30 -58.82 11.31
C SER A 22 -5.90 -58.71 12.71
N ASP A 23 -5.15 -59.18 13.72
CA ASP A 23 -5.70 -59.32 15.07
C ASP A 23 -5.99 -57.97 15.71
N GLY A 24 -5.18 -56.95 15.43
CA GLY A 24 -5.37 -55.67 16.05
C GLY A 24 -4.09 -54.91 16.33
N THR A 25 -2.96 -55.62 16.35
CA THR A 25 -1.68 -54.97 16.58
C THR A 25 -1.35 -54.03 15.42
N CYS A 26 -0.84 -52.85 15.77
CA CYS A 26 -0.51 -51.88 14.75
C CYS A 26 0.77 -52.27 14.04
N LYS A 27 0.81 -52.04 12.73
CA LYS A 27 2.00 -52.33 11.95
C LYS A 27 3.15 -51.43 12.38
N GLU A 28 4.33 -52.02 12.53
CA GLU A 28 5.52 -51.30 12.98
C GLU A 28 6.22 -50.72 11.77
N GLU A 29 6.13 -49.40 11.59
CA GLU A 29 6.80 -48.70 10.51
C GLU A 29 8.13 -48.16 10.99
N PHE A 30 8.81 -47.41 10.12
CA PHE A 30 10.08 -46.80 10.47
C PHE A 30 10.29 -45.57 9.59
N THR A 31 11.21 -44.71 10.03
CA THR A 31 11.55 -43.50 9.30
C THR A 31 12.77 -43.74 8.42
N VAL A 32 13.23 -42.67 7.76
CA VAL A 32 14.39 -42.78 6.89
C VAL A 32 15.64 -43.11 7.70
N ASN A 33 15.79 -42.49 8.87
CA ASN A 33 16.95 -42.70 9.72
C ASN A 33 16.81 -43.90 10.63
N GLY A 34 15.67 -44.61 10.59
CA GLY A 34 15.46 -45.75 11.44
C GLY A 34 14.76 -45.47 12.75
N ASP A 35 14.36 -44.23 12.99
CA ASP A 35 13.65 -43.90 14.22
C ASP A 35 12.23 -44.45 14.14
N PRO A 36 11.79 -45.24 15.12
CA PRO A 36 10.43 -45.79 15.07
C PRO A 36 9.39 -44.69 15.26
N VAL A 37 8.18 -44.97 14.79
CA VAL A 37 7.06 -44.06 14.91
C VAL A 37 6.04 -44.65 15.86
N LYS A 38 5.15 -43.79 16.35
CA LYS A 38 4.12 -44.18 17.31
C LYS A 38 2.75 -43.95 16.72
N LYS A 39 1.85 -44.91 16.93
CA LYS A 39 0.48 -44.82 16.44
C LYS A 39 -0.48 -45.17 17.57
N VAL A 40 -1.74 -44.79 17.38
CA VAL A 40 -2.78 -44.96 18.40
C VAL A 40 -4.01 -45.58 17.76
N ILE A 41 -4.91 -46.05 18.61
CA ILE A 41 -6.09 -46.81 18.21
C ILE A 41 -7.29 -45.86 18.15
N CYS A 42 -8.00 -45.86 17.02
CA CYS A 42 -9.07 -44.89 16.78
C CYS A 42 -10.32 -45.61 16.32
N THR A 43 -11.44 -45.39 17.02
CA THR A 43 -12.71 -46.04 16.71
C THR A 43 -13.68 -45.03 16.08
N GLY A 44 -13.60 -44.92 14.75
CA GLY A 44 -14.44 -44.01 14.02
C GLY A 44 -15.34 -44.72 13.02
N PRO A 45 -15.96 -43.96 12.12
CA PRO A 45 -16.84 -44.54 11.08
C PRO A 45 -16.06 -45.09 9.90
N ASN A 46 -15.59 -46.33 10.06
CA ASN A 46 -14.73 -46.97 9.08
C ASN A 46 -15.47 -47.30 7.78
N ASP A 47 -16.77 -47.63 7.87
CA ASP A 47 -17.48 -48.29 6.79
C ASP A 47 -17.29 -47.59 5.44
N THR A 48 -17.77 -46.36 5.32
CA THR A 48 -17.78 -45.65 4.04
C THR A 48 -18.07 -44.18 4.32
N SER A 49 -18.37 -43.44 3.25
CA SER A 49 -18.86 -42.07 3.32
C SER A 49 -20.05 -42.00 4.27
N PRO A 50 -20.39 -40.83 4.82
CA PRO A 50 -21.36 -40.79 5.92
C PRO A 50 -22.75 -41.25 5.52
N GLY A 51 -22.89 -42.55 5.29
CA GLY A 51 -24.18 -43.17 5.04
C GLY A 51 -24.55 -44.13 6.15
N SER A 52 -24.37 -45.42 5.91
CA SER A 52 -24.69 -46.41 6.93
C SER A 52 -23.60 -46.48 8.00
N PRO A 53 -23.97 -46.73 9.31
CA PRO A 53 -22.94 -46.80 10.31
C PRO A 53 -22.52 -48.24 10.54
N ARG A 54 -21.84 -48.85 9.57
CA ARG A 54 -21.47 -50.26 9.65
C ARG A 54 -20.25 -50.44 10.54
N HIS A 55 -19.61 -51.62 10.44
CA HIS A 55 -18.50 -52.03 11.29
C HIS A 55 -17.53 -50.88 11.57
N THR A 56 -17.34 -50.59 12.85
CA THR A 56 -16.52 -49.47 13.31
C THR A 56 -15.31 -49.96 14.09
N VAL A 57 -14.70 -51.05 13.64
CA VAL A 57 -13.51 -51.57 14.32
C VAL A 57 -12.38 -50.54 14.23
N PRO A 58 -11.67 -50.28 15.32
CA PRO A 58 -10.68 -49.20 15.30
C PRO A 58 -9.52 -49.46 14.35
N GLN A 59 -8.96 -48.38 13.84
CA GLN A 59 -7.81 -48.38 12.95
C GLN A 59 -6.64 -47.68 13.65
N CYS A 60 -5.53 -47.51 12.93
CA CYS A 60 -4.33 -46.88 13.46
C CYS A 60 -4.22 -45.45 12.96
N CYS A 61 -3.78 -44.56 13.85
CA CYS A 61 -3.61 -43.15 13.52
C CYS A 61 -2.25 -42.66 13.99
N TYR A 62 -1.64 -41.80 13.19
CA TYR A 62 -0.36 -41.16 13.51
C TYR A 62 -0.13 -40.03 12.51
N GLY A 63 0.92 -39.27 12.75
CA GLY A 63 1.25 -38.16 11.87
C GLY A 63 1.94 -37.01 12.57
N PHE A 64 1.42 -35.79 12.38
CA PHE A 64 1.96 -34.60 13.03
C PHE A 64 1.23 -34.28 14.32
N CYS A 65 -0.11 -34.19 14.27
CA CYS A 65 -0.87 -33.86 15.47
C CYS A 65 -0.72 -34.94 16.54
N ILE A 66 -0.64 -36.20 16.13
CA ILE A 66 -0.58 -37.30 17.10
C ILE A 66 0.70 -37.23 17.91
N ASP A 67 1.82 -36.90 17.27
CA ASP A 67 3.07 -36.77 18.01
C ASP A 67 3.01 -35.61 19.00
N LEU A 68 2.41 -34.49 18.58
CA LEU A 68 2.25 -33.36 19.48
C LEU A 68 1.39 -33.74 20.68
N LEU A 69 0.32 -34.50 20.45
CA LEU A 69 -0.55 -34.90 21.55
C LEU A 69 0.13 -35.91 22.45
N ILE A 70 0.97 -36.78 21.87
CA ILE A 70 1.73 -37.72 22.70
C ILE A 70 2.68 -36.96 23.61
N LYS A 71 3.35 -35.94 23.07
CA LYS A 71 4.22 -35.11 23.91
C LYS A 71 3.42 -34.38 24.97
N LEU A 72 2.23 -33.88 24.61
CA LEU A 72 1.40 -33.16 25.57
C LEU A 72 0.93 -34.07 26.71
N ALA A 73 0.51 -35.29 26.38
CA ALA A 73 -0.01 -36.21 27.38
C ALA A 73 1.09 -36.85 28.21
N ARG A 74 2.29 -36.99 27.65
CA ARG A 74 3.42 -37.47 28.43
C ARG A 74 3.67 -36.58 29.63
N THR A 75 3.43 -35.28 29.48
CA THR A 75 3.45 -34.36 30.60
C THR A 75 2.04 -34.23 31.19
N MET A 76 2.00 -33.70 32.43
CA MET A 76 0.81 -33.62 33.29
C MET A 76 0.02 -34.94 33.34
N ASN A 77 0.67 -36.06 33.02
CA ASN A 77 0.24 -37.41 33.36
C ASN A 77 -1.28 -37.61 33.27
N PHE A 78 -1.82 -37.42 32.07
CA PHE A 78 -3.23 -37.70 31.82
C PHE A 78 -3.36 -38.64 30.64
N THR A 79 -4.16 -39.69 30.80
CA THR A 79 -4.36 -40.70 29.77
C THR A 79 -5.51 -40.29 28.86
N TYR A 80 -5.48 -40.80 27.63
CA TYR A 80 -6.31 -40.27 26.56
C TYR A 80 -6.87 -41.39 25.70
N GLU A 81 -7.96 -41.09 25.01
CA GLU A 81 -8.51 -41.93 23.96
C GLU A 81 -8.88 -41.04 22.78
N VAL A 82 -8.80 -41.61 21.57
CA VAL A 82 -8.98 -40.86 20.34
C VAL A 82 -10.01 -41.55 19.46
N HIS A 83 -10.87 -40.76 18.82
CA HIS A 83 -11.86 -41.29 17.90
C HIS A 83 -12.22 -40.20 16.89
N LEU A 84 -12.54 -40.62 15.67
CA LEU A 84 -12.79 -39.69 14.58
C LEU A 84 -14.19 -39.11 14.64
N VAL A 85 -14.41 -38.07 13.85
CA VAL A 85 -15.70 -37.38 13.81
C VAL A 85 -16.69 -38.23 13.03
N ALA A 86 -17.90 -38.38 13.57
CA ALA A 86 -18.93 -39.15 12.88
C ALA A 86 -19.30 -38.49 11.55
N ASP A 87 -19.42 -37.16 11.53
CA ASP A 87 -19.87 -36.46 10.32
C ASP A 87 -18.71 -36.26 9.34
N GLY A 88 -17.70 -35.52 9.74
CA GLY A 88 -16.54 -35.28 8.90
C GLY A 88 -16.49 -33.89 8.30
N LYS A 89 -16.94 -32.89 9.04
CA LYS A 89 -16.91 -31.50 8.60
C LYS A 89 -16.27 -30.64 9.68
N PHE A 90 -15.65 -29.54 9.25
CA PHE A 90 -14.81 -28.74 10.15
C PHE A 90 -15.61 -27.73 10.95
N GLY A 91 -16.66 -28.17 11.63
CA GLY A 91 -17.37 -27.36 12.60
C GLY A 91 -17.82 -25.98 12.15
N THR A 92 -18.79 -25.93 11.23
CA THR A 92 -19.38 -24.67 10.80
C THR A 92 -20.79 -24.54 11.38
N GLN A 93 -21.46 -23.46 11.00
CA GLN A 93 -22.80 -23.16 11.49
C GLN A 93 -23.82 -23.40 10.39
N GLU A 94 -24.89 -24.12 10.71
CA GLU A 94 -25.93 -24.44 9.74
C GLU A 94 -27.28 -24.44 10.44
N ARG A 95 -28.33 -24.26 9.64
CA ARG A 95 -29.70 -24.23 10.12
C ARG A 95 -30.41 -25.53 9.74
N VAL A 96 -31.65 -25.67 10.19
CA VAL A 96 -32.47 -26.85 9.94
C VAL A 96 -33.82 -26.40 9.39
N ASN A 97 -34.70 -27.37 9.15
CA ASN A 97 -36.05 -27.09 8.68
C ASN A 97 -36.89 -26.34 9.71
N ASN A 98 -36.45 -26.31 10.97
CA ASN A 98 -37.12 -25.55 12.02
C ASN A 98 -36.12 -24.61 12.66
N SER A 99 -35.38 -23.87 11.83
CA SER A 99 -34.23 -23.07 12.27
C SER A 99 -34.61 -22.05 13.34
N ASN A 100 -34.12 -22.26 14.56
CA ASN A 100 -34.26 -21.28 15.62
C ASN A 100 -32.98 -21.09 16.43
N LYS A 101 -31.93 -21.87 16.15
CA LYS A 101 -30.66 -21.75 16.86
C LYS A 101 -29.47 -21.62 15.93
N LYS A 102 -29.49 -22.29 14.78
CA LYS A 102 -28.38 -22.32 13.83
C LYS A 102 -27.10 -22.80 14.52
N GLU A 103 -27.16 -24.02 15.04
CA GLU A 103 -26.08 -24.59 15.83
C GLU A 103 -24.97 -25.09 14.92
N TRP A 104 -24.03 -25.83 15.49
CA TRP A 104 -22.86 -26.32 14.77
C TRP A 104 -23.02 -27.79 14.40
N ASN A 105 -22.10 -28.25 13.56
CA ASN A 105 -21.98 -29.66 13.19
C ASN A 105 -20.52 -30.07 13.27
N GLY A 106 -20.26 -31.34 12.98
CA GLY A 106 -18.89 -31.81 12.95
C GLY A 106 -18.19 -31.64 14.28
N MET A 107 -16.95 -31.12 14.23
CA MET A 107 -16.14 -30.98 15.43
C MET A 107 -16.75 -29.99 16.41
N MET A 108 -17.21 -28.83 15.92
CA MET A 108 -17.77 -27.83 16.80
C MET A 108 -19.04 -28.33 17.48
N GLY A 109 -19.90 -29.02 16.73
CA GLY A 109 -21.08 -29.61 17.34
C GLY A 109 -20.73 -30.69 18.34
N GLU A 110 -19.74 -31.52 18.02
CA GLU A 110 -19.34 -32.59 18.92
C GLU A 110 -18.73 -32.08 20.21
N LEU A 111 -18.02 -30.96 20.16
CA LEU A 111 -17.39 -30.41 21.35
C LEU A 111 -18.33 -29.54 22.17
N LEU A 112 -19.30 -28.89 21.54
CA LEU A 112 -20.24 -28.04 22.26
C LEU A 112 -21.38 -28.83 22.88
N SER A 113 -21.45 -30.15 22.66
CA SER A 113 -22.45 -30.99 23.28
C SER A 113 -21.92 -31.72 24.51
N GLY A 114 -20.74 -31.34 24.99
CA GLY A 114 -20.20 -31.88 26.23
C GLY A 114 -19.84 -33.35 26.24
N GLN A 115 -19.18 -33.84 25.19
CA GLN A 115 -18.63 -35.19 25.23
C GLN A 115 -17.22 -35.25 24.65
N ALA A 116 -16.58 -34.12 24.40
CA ALA A 116 -15.22 -34.07 23.89
C ALA A 116 -14.41 -33.10 24.72
N ASP A 117 -13.13 -33.40 24.91
CA ASP A 117 -12.26 -32.60 25.76
C ASP A 117 -11.17 -31.87 25.00
N MET A 118 -10.75 -32.37 23.84
CA MET A 118 -9.64 -31.79 23.10
C MET A 118 -9.90 -31.99 21.61
N ILE A 119 -9.48 -31.04 20.80
CA ILE A 119 -9.58 -31.15 19.34
C ILE A 119 -8.19 -30.86 18.78
N VAL A 120 -7.40 -31.91 18.58
CA VAL A 120 -6.07 -31.79 17.99
C VAL A 120 -6.22 -32.00 16.49
N ALA A 121 -6.22 -30.91 15.74
CA ALA A 121 -6.44 -30.96 14.30
C ALA A 121 -6.02 -29.61 13.71
N PRO A 122 -5.73 -29.56 12.42
CA PRO A 122 -5.38 -28.27 11.78
C PRO A 122 -6.61 -27.46 11.40
N LEU A 123 -7.22 -26.83 12.40
CA LEU A 123 -8.41 -26.01 12.20
C LEU A 123 -8.05 -24.54 12.38
N THR A 124 -8.53 -23.70 11.45
CA THR A 124 -8.24 -22.28 11.51
C THR A 124 -8.93 -21.65 12.71
N ILE A 125 -8.24 -20.71 13.34
CA ILE A 125 -8.78 -20.01 14.51
C ILE A 125 -9.23 -18.64 14.03
N ASN A 126 -10.51 -18.55 13.67
CA ASN A 126 -11.11 -17.30 13.20
C ASN A 126 -11.90 -16.65 14.33
N ASN A 127 -12.57 -15.54 14.01
CA ASN A 127 -13.19 -14.72 15.04
C ASN A 127 -14.40 -15.41 15.66
N GLU A 128 -15.30 -15.95 14.83
CA GLU A 128 -16.55 -16.52 15.34
C GLU A 128 -16.29 -17.71 16.25
N ARG A 129 -15.42 -18.62 15.81
CA ARG A 129 -15.09 -19.78 16.63
C ARG A 129 -14.42 -19.35 17.92
N ALA A 130 -13.56 -18.33 17.87
CA ALA A 130 -12.96 -17.80 19.08
C ALA A 130 -14.01 -17.20 20.02
N GLN A 131 -15.08 -16.65 19.46
CA GLN A 131 -16.16 -16.15 20.30
C GLN A 131 -16.89 -17.28 20.99
N TYR A 132 -17.27 -18.31 20.25
CA TYR A 132 -18.09 -19.36 20.85
C TYR A 132 -17.27 -20.31 21.73
N ILE A 133 -16.01 -20.55 21.37
CA ILE A 133 -15.12 -21.38 22.17
C ILE A 133 -13.76 -20.70 22.26
N GLU A 134 -13.01 -21.02 23.30
CA GLU A 134 -11.70 -20.41 23.50
C GLU A 134 -10.60 -21.36 23.07
N PHE A 135 -9.65 -20.81 22.31
CA PHE A 135 -8.54 -21.56 21.72
C PHE A 135 -7.30 -21.38 22.56
N SER A 136 -6.18 -21.88 22.05
CA SER A 136 -4.86 -21.58 22.56
C SER A 136 -4.08 -20.82 21.50
N LYS A 137 -2.88 -20.40 21.86
CA LYS A 137 -2.05 -19.63 20.93
C LYS A 137 -1.51 -20.53 19.82
N PRO A 138 -1.43 -20.05 18.59
CA PRO A 138 -1.16 -20.93 17.45
C PRO A 138 0.19 -21.60 17.53
N PHE A 139 0.29 -22.78 16.91
CA PHE A 139 1.53 -23.51 16.79
C PHE A 139 2.03 -23.64 15.37
N LYS A 140 1.33 -23.04 14.40
CA LYS A 140 1.74 -23.08 13.00
C LYS A 140 0.96 -22.02 12.24
N TYR A 141 1.64 -21.35 11.30
CA TYR A 141 1.03 -20.29 10.50
C TYR A 141 0.83 -20.77 9.07
N GLN A 142 -0.16 -20.18 8.40
CA GLN A 142 -0.53 -20.60 7.06
C GLN A 142 -1.20 -19.44 6.33
N GLY A 143 -1.24 -19.56 5.01
CA GLY A 143 -2.01 -18.65 4.17
C GLY A 143 -2.55 -19.37 2.96
N LEU A 144 -3.86 -19.34 2.76
CA LEU A 144 -4.48 -20.20 1.74
C LEU A 144 -4.15 -19.71 0.34
N THR A 145 -3.65 -20.61 -0.50
CA THR A 145 -3.38 -20.38 -1.90
C THR A 145 -4.18 -21.39 -2.73
N ILE A 146 -3.91 -21.41 -4.03
CA ILE A 146 -4.58 -22.34 -4.95
C ILE A 146 -3.52 -23.06 -5.76
N LEU A 147 -3.94 -24.17 -6.38
CA LEU A 147 -3.09 -24.89 -7.33
C LEU A 147 -3.87 -25.18 -8.59
N VAL A 148 -3.13 -25.62 -9.62
CA VAL A 148 -3.69 -26.01 -10.91
C VAL A 148 -2.90 -27.19 -11.43
N LYS A 149 -3.40 -27.80 -12.50
CA LYS A 149 -2.64 -28.81 -13.20
C LYS A 149 -1.38 -28.18 -13.79
N LYS A 150 -0.30 -28.96 -13.85
CA LYS A 150 0.98 -28.39 -14.25
C LYS A 150 1.09 -28.25 -15.76
N GLU A 151 0.09 -27.62 -16.38
CA GLU A 151 0.10 -27.26 -17.80
C GLU A 151 0.36 -28.47 -18.71
N ILE A 152 0.20 -29.68 -18.19
CA ILE A 152 0.49 -30.88 -18.95
C ILE A 152 -0.62 -31.91 -18.76
N ARG A 269 -1.80 -20.59 -16.17
CA ARG A 269 -1.09 -19.88 -15.11
C ARG A 269 -1.94 -18.74 -14.54
N ILE A 270 -1.98 -18.66 -13.21
CA ILE A 270 -2.71 -17.62 -12.51
C ILE A 270 -1.78 -17.01 -11.48
N THR A 271 -2.12 -15.80 -11.03
CA THR A 271 -1.27 -15.06 -10.11
C THR A 271 -1.86 -14.91 -8.71
N GLY A 272 -3.08 -14.43 -8.60
CA GLY A 272 -3.69 -14.18 -7.30
C GLY A 272 -5.18 -14.36 -7.32
N ILE A 273 -5.88 -13.58 -6.49
CA ILE A 273 -7.33 -13.68 -6.35
C ILE A 273 -8.00 -12.62 -7.22
N ASN A 274 -7.28 -11.53 -7.48
CA ASN A 274 -7.81 -10.41 -8.25
C ASN A 274 -7.63 -10.59 -9.75
N ASP A 275 -7.10 -11.72 -10.20
CA ASP A 275 -6.94 -11.97 -11.62
C ASP A 275 -8.30 -12.05 -12.30
N PRO A 276 -8.52 -11.34 -13.40
CA PRO A 276 -9.86 -11.30 -14.01
C PRO A 276 -10.35 -12.66 -14.49
N ARG A 277 -9.47 -13.62 -14.73
CA ARG A 277 -9.90 -14.92 -15.22
C ARG A 277 -10.80 -15.62 -14.21
N LEU A 278 -10.46 -15.51 -12.92
CA LEU A 278 -11.18 -16.22 -11.87
C LEU A 278 -12.39 -15.45 -11.34
N ARG A 279 -12.53 -14.17 -11.68
CA ARG A 279 -13.60 -13.36 -11.11
C ARG A 279 -14.96 -13.75 -11.67
N ASN A 280 -15.12 -13.61 -12.98
CA ASN A 280 -16.42 -13.88 -13.60
C ASN A 280 -16.78 -15.36 -13.50
N PRO A 281 -18.02 -15.68 -13.16
CA PRO A 281 -18.42 -17.10 -13.10
C PRO A 281 -18.55 -17.70 -14.49
N SER A 282 -17.60 -18.55 -14.85
CA SER A 282 -17.59 -19.20 -16.16
C SER A 282 -18.13 -20.63 -16.03
N ASP A 283 -18.23 -21.31 -17.17
CA ASP A 283 -18.67 -22.70 -17.20
C ASP A 283 -17.57 -23.67 -17.59
N LYS A 284 -16.51 -23.21 -18.25
CA LYS A 284 -15.40 -24.07 -18.64
C LYS A 284 -14.25 -24.03 -17.63
N PHE A 285 -14.41 -23.32 -16.52
CA PHE A 285 -13.38 -23.17 -15.50
C PHE A 285 -13.96 -23.39 -14.11
N ILE A 286 -14.70 -24.49 -13.95
CA ILE A 286 -15.38 -24.77 -12.70
C ILE A 286 -14.37 -25.02 -11.60
N TYR A 287 -14.53 -24.33 -10.48
CA TYR A 287 -13.68 -24.50 -9.30
C TYR A 287 -14.53 -24.37 -8.05
N ALA A 288 -14.03 -24.91 -6.95
CA ALA A 288 -14.74 -24.87 -5.69
C ALA A 288 -13.79 -25.25 -4.56
N THR A 289 -14.35 -25.40 -3.36
CA THR A 289 -13.63 -25.73 -2.15
C THR A 289 -14.47 -26.74 -1.37
N VAL A 290 -13.81 -27.54 -0.53
CA VAL A 290 -14.54 -28.45 0.35
C VAL A 290 -15.53 -27.65 1.18
N LYS A 291 -16.75 -28.17 1.29
CA LYS A 291 -17.82 -27.43 1.96
C LYS A 291 -17.68 -27.54 3.48
N GLN A 292 -18.34 -26.62 4.18
CA GLN A 292 -18.38 -26.59 5.63
C GLN A 292 -16.97 -26.55 6.22
N SER A 293 -16.27 -25.45 5.92
CA SER A 293 -14.88 -25.30 6.34
C SER A 293 -14.61 -23.83 6.61
N SER A 294 -13.36 -23.54 7.00
CA SER A 294 -12.97 -22.17 7.28
C SER A 294 -13.05 -21.29 6.04
N VAL A 295 -12.69 -21.85 4.88
CA VAL A 295 -12.73 -21.08 3.64
C VAL A 295 -14.15 -20.63 3.34
N ASP A 296 -15.11 -21.54 3.47
CA ASP A 296 -16.50 -21.21 3.14
C ASP A 296 -17.06 -20.14 4.05
N ILE A 297 -16.80 -20.25 5.36
CA ILE A 297 -17.35 -19.26 6.30
C ILE A 297 -16.66 -17.91 6.10
N TYR A 298 -15.35 -17.91 5.84
CA TYR A 298 -14.66 -16.64 5.66
C TYR A 298 -15.07 -15.97 4.36
N PHE A 299 -15.32 -16.74 3.30
CA PHE A 299 -15.79 -16.15 2.06
C PHE A 299 -17.25 -15.72 2.13
N ARG A 300 -18.05 -16.40 2.97
CA ARG A 300 -19.46 -16.02 3.11
C ARG A 300 -19.60 -14.71 3.86
N ARG A 301 -18.88 -14.57 4.98
CA ARG A 301 -18.96 -13.34 5.76
C ARG A 301 -18.42 -12.15 4.98
N GLN A 302 -17.29 -12.33 4.30
CA GLN A 302 -16.74 -11.26 3.48
C GLN A 302 -17.65 -11.00 2.28
N VAL A 303 -17.94 -9.73 2.03
CA VAL A 303 -18.87 -9.39 0.95
C VAL A 303 -18.18 -9.55 -0.40
N GLU A 304 -17.14 -8.76 -0.66
CA GLU A 304 -16.38 -8.76 -1.91
C GLU A 304 -17.27 -8.98 -3.13
N LEU A 305 -17.64 -10.24 -3.38
CA LEU A 305 -18.48 -10.60 -4.51
C LEU A 305 -19.37 -11.77 -4.11
N SER A 306 -20.69 -11.54 -4.11
CA SER A 306 -21.61 -12.64 -3.79
C SER A 306 -21.70 -13.63 -4.94
N THR A 307 -21.46 -13.18 -6.17
CA THR A 307 -21.43 -14.10 -7.30
C THR A 307 -20.32 -15.12 -7.15
N MET A 308 -19.20 -14.73 -6.54
CA MET A 308 -18.13 -15.68 -6.26
C MET A 308 -18.62 -16.81 -5.35
N TYR A 309 -19.34 -16.44 -4.28
CA TYR A 309 -19.89 -17.44 -3.38
C TYR A 309 -20.92 -18.31 -4.08
N ARG A 310 -21.76 -17.70 -4.92
CA ARG A 310 -22.76 -18.48 -5.65
C ARG A 310 -22.11 -19.48 -6.60
N HIS A 311 -21.03 -19.07 -7.27
CA HIS A 311 -20.32 -19.99 -8.16
C HIS A 311 -19.61 -21.08 -7.37
N MET A 312 -19.11 -20.76 -6.18
CA MET A 312 -18.50 -21.80 -5.33
C MET A 312 -19.54 -22.83 -4.88
N GLU A 313 -20.76 -22.37 -4.58
CA GLU A 313 -21.77 -23.28 -4.03
C GLU A 313 -22.18 -24.37 -5.00
N LYS A 314 -21.87 -24.22 -6.30
CA LYS A 314 -22.33 -25.19 -7.28
C LYS A 314 -21.66 -26.54 -7.11
N HIS A 315 -20.36 -26.56 -6.79
CA HIS A 315 -19.60 -27.81 -6.79
C HIS A 315 -18.73 -27.93 -5.56
N ASN A 316 -19.24 -27.49 -4.41
CA ASN A 316 -18.52 -27.68 -3.15
C ASN A 316 -18.36 -29.16 -2.85
N TYR A 317 -17.12 -29.62 -2.75
CA TYR A 317 -16.85 -31.02 -2.52
C TYR A 317 -17.12 -31.41 -1.07
N GLU A 318 -17.21 -32.72 -0.84
CA GLU A 318 -17.55 -33.24 0.47
C GLU A 318 -16.35 -33.52 1.36
N SER A 319 -15.18 -33.79 0.77
CA SER A 319 -14.01 -34.16 1.55
C SER A 319 -12.81 -33.38 1.05
N ALA A 320 -11.76 -33.35 1.87
CA ALA A 320 -10.54 -32.62 1.57
C ALA A 320 -9.55 -33.42 0.75
N ALA A 321 -9.84 -34.69 0.46
CA ALA A 321 -8.96 -35.54 -0.34
C ALA A 321 -9.53 -35.86 -1.71
N GLU A 322 -10.84 -36.06 -1.82
CA GLU A 322 -11.44 -36.35 -3.12
C GLU A 322 -11.26 -35.18 -4.07
N ALA A 323 -11.23 -33.95 -3.55
CA ALA A 323 -11.05 -32.78 -4.41
C ALA A 323 -9.68 -32.80 -5.07
N ILE A 324 -8.65 -33.23 -4.34
CA ILE A 324 -7.31 -33.29 -4.93
C ILE A 324 -7.24 -34.37 -6.01
N GLN A 325 -7.86 -35.51 -5.76
CA GLN A 325 -7.91 -36.54 -6.79
C GLN A 325 -8.63 -36.04 -8.03
N ALA A 326 -9.74 -35.32 -7.83
CA ALA A 326 -10.49 -34.79 -8.97
C ALA A 326 -9.68 -33.75 -9.75
N VAL A 327 -9.01 -32.83 -9.06
CA VAL A 327 -8.22 -31.83 -9.75
C VAL A 327 -7.04 -32.49 -10.45
N ARG A 328 -6.57 -33.62 -9.94
CA ARG A 328 -5.54 -34.36 -10.63
C ARG A 328 -6.08 -35.06 -11.87
N ASP A 329 -7.36 -35.49 -11.84
CA ASP A 329 -7.85 -36.18 -13.02
C ASP A 329 -8.12 -35.23 -14.17
N ASN A 330 -9.28 -34.56 -14.18
CA ASN A 330 -9.45 -33.34 -14.97
C ASN A 330 -10.57 -32.44 -14.45
N LYS A 331 -11.28 -32.87 -13.40
CA LYS A 331 -12.64 -32.39 -13.17
C LYS A 331 -12.68 -30.90 -12.88
N LEU A 332 -12.14 -30.48 -11.73
CA LEU A 332 -12.08 -29.07 -11.38
C LEU A 332 -10.68 -28.54 -11.61
N HIS A 333 -10.59 -27.23 -11.84
CA HIS A 333 -9.34 -26.62 -12.27
C HIS A 333 -8.73 -25.67 -11.24
N ALA A 334 -9.24 -25.66 -10.02
CA ALA A 334 -8.67 -24.82 -8.98
C ALA A 334 -9.16 -25.28 -7.62
N PHE A 335 -8.23 -25.55 -6.71
CA PHE A 335 -8.53 -25.95 -5.34
C PHE A 335 -8.04 -24.86 -4.40
N ILE A 336 -8.94 -24.35 -3.56
CA ILE A 336 -8.64 -23.25 -2.65
C ILE A 336 -8.66 -23.81 -1.24
N TRP A 337 -7.48 -24.07 -0.67
CA TRP A 337 -7.37 -24.65 0.66
C TRP A 337 -6.17 -24.01 1.35
N ASP A 338 -5.82 -24.52 2.53
CA ASP A 338 -4.78 -23.91 3.35
C ASP A 338 -3.41 -24.06 2.70
N SER A 339 -2.41 -23.43 3.31
CA SER A 339 -1.07 -23.40 2.73
C SER A 339 -0.36 -24.73 2.86
N ALA A 340 -0.15 -25.19 4.10
CA ALA A 340 0.67 -26.37 4.34
C ALA A 340 0.06 -27.60 3.69
N VAL A 341 -1.26 -27.78 3.82
CA VAL A 341 -1.91 -28.97 3.28
C VAL A 341 -1.72 -29.03 1.76
N LEU A 342 -2.03 -27.94 1.07
CA LEU A 342 -1.89 -27.92 -0.38
C LEU A 342 -0.44 -28.09 -0.79
N GLU A 343 0.47 -27.42 -0.09
CA GLU A 343 1.87 -27.47 -0.47
C GLU A 343 2.41 -28.88 -0.35
N PHE A 344 2.10 -29.56 0.76
CA PHE A 344 2.58 -30.94 0.92
C PHE A 344 1.93 -31.87 -0.08
N GLU A 345 0.61 -31.85 -0.18
CA GLU A 345 -0.07 -32.77 -1.09
C GLU A 345 0.18 -32.46 -2.55
N ALA A 346 0.77 -31.31 -2.86
CA ALA A 346 1.17 -31.00 -4.23
C ALA A 346 2.60 -31.41 -4.49
N SER A 347 3.54 -30.97 -3.65
CA SER A 347 4.95 -31.31 -3.87
C SER A 347 5.21 -32.80 -3.67
N GLN A 348 4.33 -33.52 -2.98
CA GLN A 348 4.54 -34.95 -2.80
C GLN A 348 4.23 -35.74 -4.07
N LYS A 349 3.26 -35.28 -4.86
CA LYS A 349 2.85 -35.95 -6.09
C LYS A 349 3.15 -35.02 -7.26
N CYS A 350 4.08 -35.44 -8.13
CA CYS A 350 4.61 -34.55 -9.15
C CYS A 350 3.63 -34.32 -10.29
N ASP A 351 2.45 -33.80 -9.97
CA ASP A 351 1.45 -33.47 -10.98
C ASP A 351 0.80 -32.11 -10.77
N LEU A 352 1.00 -31.47 -9.63
CA LEU A 352 0.30 -30.23 -9.29
C LEU A 352 1.29 -29.19 -8.80
N VAL A 353 1.05 -27.94 -9.18
CA VAL A 353 1.90 -26.82 -8.79
C VAL A 353 1.01 -25.66 -8.35
N THR A 354 1.35 -25.05 -7.22
CA THR A 354 0.55 -23.98 -6.65
C THR A 354 1.07 -22.62 -7.10
N THR A 355 0.16 -21.66 -7.21
CA THR A 355 0.51 -20.29 -7.60
C THR A 355 -0.45 -19.33 -6.92
N GLY A 356 0.07 -18.42 -6.12
CA GLY A 356 -0.77 -17.49 -5.39
C GLY A 356 0.04 -16.41 -4.71
N GLU A 357 -0.64 -15.67 -3.84
CA GLU A 357 -0.01 -14.57 -3.11
C GLU A 357 -0.20 -14.69 -1.60
N LEU A 358 -0.75 -15.79 -1.12
CA LEU A 358 -0.90 -16.06 0.32
C LEU A 358 -1.73 -14.97 1.02
N PHE A 359 -2.99 -14.89 0.64
CA PHE A 359 -3.94 -14.01 1.30
C PHE A 359 -4.50 -14.68 2.56
N PHE A 360 -4.94 -13.85 3.51
CA PHE A 360 -5.53 -14.31 4.76
C PHE A 360 -4.56 -15.22 5.52
N ARG A 361 -3.47 -14.65 6.03
CA ARG A 361 -2.56 -15.35 6.91
C ARG A 361 -3.24 -15.59 8.25
N SER A 362 -3.19 -16.83 8.73
CA SER A 362 -3.81 -17.22 9.99
C SER A 362 -3.01 -18.38 10.58
N GLY A 363 -3.58 -19.05 11.59
CA GLY A 363 -2.88 -20.11 12.26
C GLY A 363 -3.82 -21.24 12.69
N PHE A 364 -3.21 -22.31 13.19
CA PHE A 364 -3.92 -23.46 13.73
C PHE A 364 -3.72 -23.51 15.24
N GLY A 365 -4.78 -23.81 15.97
CA GLY A 365 -4.70 -23.87 17.42
C GLY A 365 -5.30 -25.13 18.01
N ILE A 366 -5.41 -25.17 19.34
CA ILE A 366 -5.99 -26.30 20.06
C ILE A 366 -7.12 -25.76 20.92
N GLY A 367 -8.33 -26.25 20.69
CA GLY A 367 -9.49 -25.73 21.40
C GLY A 367 -10.11 -26.65 22.44
N MET A 368 -9.87 -26.36 23.71
CA MET A 368 -10.55 -27.08 24.79
C MET A 368 -11.92 -26.44 25.02
N ARG A 369 -12.58 -26.82 26.11
CA ARG A 369 -13.89 -26.27 26.42
C ARG A 369 -13.74 -24.83 26.92
N LYS A 370 -14.84 -24.25 27.39
CA LYS A 370 -14.79 -22.88 27.88
C LYS A 370 -14.06 -22.79 29.21
N ASP A 371 -12.75 -22.59 29.16
CA ASP A 371 -11.90 -22.48 30.34
C ASP A 371 -12.03 -23.74 31.20
N SER A 372 -11.51 -24.83 30.65
CA SER A 372 -11.35 -26.05 31.42
C SER A 372 -10.15 -25.91 32.34
N PRO A 373 -10.06 -26.75 33.38
CA PRO A 373 -8.89 -26.70 34.26
C PRO A 373 -7.57 -26.95 33.56
N TRP A 374 -7.59 -27.49 32.35
CA TRP A 374 -6.37 -27.81 31.61
C TRP A 374 -5.89 -26.67 30.73
N LYS A 375 -6.57 -25.52 30.74
CA LYS A 375 -6.25 -24.46 29.79
C LYS A 375 -4.94 -23.76 30.13
N GLN A 376 -4.64 -23.60 31.43
CA GLN A 376 -3.51 -22.77 31.83
C GLN A 376 -2.18 -23.41 31.46
N ASN A 377 -2.10 -24.73 31.44
CA ASN A 377 -0.83 -25.39 31.17
C ASN A 377 -0.61 -25.69 29.69
N VAL A 378 -1.67 -25.71 28.89
CA VAL A 378 -1.53 -26.00 27.47
C VAL A 378 -0.68 -24.95 26.80
N SER A 379 -0.95 -23.67 27.07
CA SER A 379 -0.18 -22.59 26.47
C SER A 379 1.28 -22.65 26.91
N LEU A 380 1.51 -22.91 28.20
CA LEU A 380 2.88 -22.99 28.70
C LEU A 380 3.65 -24.09 27.99
N SER A 381 3.04 -25.27 27.88
CA SER A 381 3.71 -26.37 27.20
C SER A 381 3.95 -26.06 25.73
N ILE A 382 2.97 -25.44 25.06
CA ILE A 382 3.10 -25.21 23.63
C ILE A 382 4.19 -24.18 23.35
N LEU A 383 4.33 -23.15 24.20
CA LEU A 383 5.43 -22.20 24.00
C LEU A 383 6.77 -22.80 24.38
N LYS A 384 6.81 -23.64 25.42
CA LYS A 384 8.06 -24.29 25.76
C LYS A 384 8.56 -25.15 24.62
N SER A 385 7.66 -25.91 23.98
CA SER A 385 8.04 -26.71 22.83
C SER A 385 8.35 -25.83 21.62
N HIS A 386 7.63 -24.73 21.45
CA HIS A 386 7.87 -23.84 20.30
C HIS A 386 9.24 -23.22 20.35
N GLU A 387 9.68 -22.80 21.54
CA GLU A 387 10.96 -22.11 21.67
C GLU A 387 12.13 -23.06 21.91
N ASN A 388 11.89 -24.23 22.52
CA ASN A 388 12.99 -25.14 22.82
C ASN A 388 13.60 -25.71 21.54
N GLY A 389 12.75 -26.17 20.61
CA GLY A 389 13.24 -26.75 19.38
C GLY A 389 12.47 -27.98 18.94
N PHE A 390 11.46 -28.37 19.73
CA PHE A 390 10.63 -29.52 19.36
C PHE A 390 9.88 -29.27 18.06
N MET A 391 9.53 -28.01 17.78
CA MET A 391 8.82 -27.71 16.55
C MET A 391 9.66 -28.04 15.33
N GLU A 392 10.95 -27.73 15.37
CA GLU A 392 11.84 -28.15 14.29
C GLU A 392 11.89 -29.66 14.17
N ASP A 393 11.96 -30.35 15.31
CA ASP A 393 12.03 -31.81 15.30
C ASP A 393 10.82 -32.42 14.60
N LEU A 394 9.63 -31.91 14.90
CA LEU A 394 8.43 -32.44 14.26
C LEU A 394 8.31 -32.00 12.80
N ASP A 395 8.62 -30.73 12.52
CA ASP A 395 8.43 -30.19 11.18
C ASP A 395 9.37 -30.85 10.17
N LYS A 396 10.65 -30.98 10.53
CA LYS A 396 11.59 -31.63 9.63
C LYS A 396 11.25 -33.09 9.43
N THR A 397 10.67 -33.74 10.45
CA THR A 397 10.35 -35.15 10.33
C THR A 397 9.15 -35.38 9.42
N TRP A 398 8.08 -34.60 9.58
CA TRP A 398 6.85 -34.88 8.87
C TRP A 398 6.58 -33.95 7.69
N VAL A 399 7.49 -33.03 7.38
CA VAL A 399 7.36 -32.17 6.20
C VAL A 399 8.71 -32.02 5.54
N ARG A 400 8.87 -32.61 4.35
CA ARG A 400 10.14 -32.62 3.64
C ARG A 400 9.88 -32.49 2.15
N TYR A 401 10.95 -32.42 1.38
CA TYR A 401 10.89 -32.31 -0.07
C TYR A 401 11.44 -33.59 -0.70
N GLN A 402 10.66 -34.19 -1.58
CA GLN A 402 11.06 -35.42 -2.27
C GLN A 402 11.18 -35.24 -3.77
N GLU A 403 10.17 -34.64 -4.41
CA GLU A 403 10.21 -34.45 -5.86
C GLU A 403 11.35 -33.53 -6.27
N CYS A 404 11.54 -32.43 -5.54
CA CYS A 404 12.60 -31.48 -5.86
C CYS A 404 13.37 -31.08 -4.61
N SER B 1 -54.06 6.75 9.61
CA SER B 1 -54.11 5.40 9.05
C SER B 1 -52.71 4.86 8.79
N LYS B 2 -52.05 5.40 7.78
CA LYS B 2 -50.71 4.99 7.40
C LYS B 2 -49.85 6.23 7.18
N LEU B 3 -48.54 6.06 7.33
CA LEU B 3 -47.61 7.15 7.04
C LEU B 3 -47.62 7.48 5.56
N HIS B 4 -47.36 8.74 5.24
CA HIS B 4 -47.32 9.23 3.87
C HIS B 4 -45.96 9.84 3.60
N LEU B 5 -45.26 9.31 2.60
CA LEU B 5 -43.89 9.73 2.33
C LEU B 5 -43.74 10.15 0.87
N ARG B 6 -42.72 10.96 0.62
CA ARG B 6 -42.32 11.37 -0.71
C ARG B 6 -40.89 10.90 -0.96
N VAL B 7 -40.67 10.18 -2.06
CA VAL B 7 -39.40 9.53 -2.33
C VAL B 7 -38.88 9.96 -3.70
N VAL B 8 -37.60 10.29 -3.76
CA VAL B 8 -36.94 10.76 -4.97
C VAL B 8 -36.00 9.68 -5.47
N THR B 9 -36.07 9.40 -6.78
CA THR B 9 -35.24 8.41 -7.43
C THR B 9 -34.58 9.01 -8.67
N LEU B 10 -33.69 8.23 -9.27
CA LEU B 10 -32.97 8.61 -10.49
C LEU B 10 -33.34 7.63 -11.60
N ILE B 11 -32.67 7.75 -12.75
CA ILE B 11 -32.91 6.90 -13.92
C ILE B 11 -31.57 6.28 -14.28
N GLU B 12 -31.29 5.08 -13.77
CA GLU B 12 -30.05 4.38 -14.06
C GLU B 12 -30.34 2.89 -14.17
N HIS B 13 -30.13 2.34 -15.36
CA HIS B 13 -30.31 0.91 -15.56
C HIS B 13 -29.14 0.13 -14.95
N PRO B 14 -29.38 -1.08 -14.47
CA PRO B 14 -30.66 -1.81 -14.40
C PRO B 14 -31.35 -1.64 -13.07
N PHE B 15 -30.83 -0.79 -12.19
CA PHE B 15 -31.42 -0.62 -10.87
C PHE B 15 -32.82 -0.04 -10.96
N VAL B 16 -33.01 0.95 -11.83
CA VAL B 16 -34.32 1.57 -12.05
C VAL B 16 -34.49 1.83 -13.54
N PHE B 17 -35.68 1.53 -14.05
CA PHE B 17 -35.99 1.64 -15.47
C PHE B 17 -36.92 2.83 -15.71
N THR B 18 -37.38 2.97 -16.94
CA THR B 18 -38.36 3.99 -17.29
C THR B 18 -39.16 3.50 -18.48
N ARG B 19 -40.41 3.12 -18.24
CA ARG B 19 -41.29 2.59 -19.27
C ARG B 19 -42.43 3.56 -19.50
N GLU B 20 -42.78 3.76 -20.77
CA GLU B 20 -43.84 4.70 -21.12
C GLU B 20 -45.17 4.28 -20.50
N VAL B 21 -45.95 5.27 -20.08
CA VAL B 21 -47.22 4.98 -19.42
C VAL B 21 -48.24 4.51 -20.45
N ASP B 22 -49.24 3.77 -19.97
CA ASP B 22 -50.29 3.25 -20.82
C ASP B 22 -51.32 4.34 -21.11
N ASP B 23 -52.22 4.04 -22.06
CA ASP B 23 -53.20 5.03 -22.50
C ASP B 23 -54.14 5.42 -21.37
N GLU B 24 -54.76 4.43 -20.72
CA GLU B 24 -55.61 4.72 -19.57
C GLU B 24 -54.78 5.19 -18.38
N GLY B 25 -53.69 4.49 -18.11
CA GLY B 25 -52.77 4.85 -17.04
C GLY B 25 -52.91 3.96 -15.83
N LEU B 26 -52.08 2.93 -15.75
CA LEU B 26 -51.99 2.08 -14.57
C LEU B 26 -50.56 1.70 -14.19
N CYS B 27 -49.58 1.85 -15.09
CA CYS B 27 -48.22 1.38 -14.91
C CYS B 27 -48.24 -0.09 -14.49
N PRO B 28 -48.59 -1.02 -15.38
CA PRO B 28 -48.61 -2.44 -15.00
C PRO B 28 -47.24 -2.89 -14.51
N ALA B 29 -47.24 -3.67 -13.43
CA ALA B 29 -46.02 -4.16 -12.81
C ALA B 29 -45.06 -3.03 -12.48
N GLY B 30 -45.61 -1.94 -11.96
CA GLY B 30 -44.80 -0.79 -11.60
C GLY B 30 -45.65 0.30 -10.98
N GLN B 31 -44.98 1.36 -10.57
CA GLN B 31 -45.64 2.54 -10.01
C GLN B 31 -45.49 3.71 -10.98
N LEU B 32 -46.13 4.82 -10.63
CA LEU B 32 -46.10 6.03 -11.45
C LEU B 32 -45.17 7.05 -10.80
N CYS B 33 -44.31 7.65 -11.61
CA CYS B 33 -43.32 8.61 -11.15
C CYS B 33 -43.45 9.89 -11.97
N LEU B 34 -43.04 11.01 -11.37
CA LEU B 34 -43.17 12.32 -11.99
C LEU B 34 -41.81 13.00 -12.05
N ASP B 35 -41.62 13.84 -13.05
CA ASP B 35 -40.37 14.57 -13.23
C ASP B 35 -40.66 15.92 -13.87
N PRO B 36 -40.78 16.98 -13.06
CA PRO B 36 -41.02 18.32 -13.60
C PRO B 36 -39.76 19.12 -13.91
N MET B 37 -38.57 18.50 -13.81
CA MET B 37 -37.32 19.13 -14.19
C MET B 37 -37.05 20.41 -13.39
N THR B 38 -37.20 20.29 -12.06
CA THR B 38 -37.00 21.44 -11.20
C THR B 38 -36.65 20.97 -9.80
N ASN B 39 -35.88 21.78 -9.09
CA ASN B 39 -35.48 21.51 -7.71
C ASN B 39 -36.31 22.29 -6.69
N ASP B 40 -37.41 22.89 -7.12
CA ASP B 40 -38.23 23.69 -6.22
C ASP B 40 -39.21 22.78 -5.50
N SER B 41 -39.19 22.81 -4.16
CA SER B 41 -40.05 21.93 -3.38
C SER B 41 -41.51 22.38 -3.46
N SER B 42 -41.75 23.69 -3.51
CA SER B 42 -43.12 24.20 -3.52
C SER B 42 -43.89 23.71 -4.74
N THR B 43 -43.24 23.78 -5.90
CA THR B 43 -43.91 23.34 -7.14
C THR B 43 -44.26 21.87 -6.96
N LEU B 44 -43.27 21.09 -6.53
CA LEU B 44 -43.50 19.66 -6.32
C LEU B 44 -44.69 19.42 -5.41
N ASP B 45 -44.79 20.21 -4.34
CA ASP B 45 -45.86 20.01 -3.37
C ASP B 45 -47.22 20.27 -4.00
N SER B 46 -47.36 21.40 -4.71
CA SER B 46 -48.64 21.67 -5.37
C SER B 46 -48.94 20.65 -6.47
N LEU B 47 -47.90 20.18 -7.18
CA LEU B 47 -48.14 19.17 -8.20
C LEU B 47 -48.67 17.88 -7.59
N PHE B 48 -48.06 17.44 -6.49
CA PHE B 48 -48.53 16.22 -5.83
C PHE B 48 -49.92 16.40 -5.25
N SER B 49 -50.20 17.58 -4.68
CA SER B 49 -51.53 17.85 -4.16
C SER B 49 -52.58 17.81 -5.27
N SER B 50 -52.25 18.38 -6.43
CA SER B 50 -53.17 18.34 -7.55
C SER B 50 -53.38 16.92 -8.06
N LEU B 51 -52.30 16.13 -8.09
CA LEU B 51 -52.40 14.78 -8.63
C LEU B 51 -53.37 13.92 -7.83
N HIS B 52 -53.23 13.95 -6.50
CA HIS B 52 -54.12 13.17 -5.63
C HIS B 52 -55.29 14.05 -5.19
N SER B 53 -56.18 14.31 -6.13
CA SER B 53 -57.33 15.16 -5.89
C SER B 53 -58.51 14.61 -6.68
N SER B 54 -59.61 15.38 -6.71
CA SER B 54 -60.79 15.01 -7.48
C SER B 54 -60.76 15.51 -8.91
N ASN B 55 -59.82 16.40 -9.24
CA ASN B 55 -59.69 16.90 -10.60
C ASN B 55 -58.24 17.35 -10.79
N ASP B 56 -57.46 16.53 -11.46
CA ASP B 56 -56.04 16.78 -11.66
C ASP B 56 -55.78 17.31 -13.06
N THR B 57 -55.03 18.40 -13.15
CA THR B 57 -54.64 19.00 -14.42
C THR B 57 -53.11 19.03 -14.45
N VAL B 58 -52.52 17.95 -14.93
CA VAL B 58 -51.06 17.82 -14.99
C VAL B 58 -50.66 17.47 -16.41
N PRO B 59 -49.47 17.87 -16.86
CA PRO B 59 -49.06 17.51 -18.22
C PRO B 59 -48.78 16.02 -18.35
N ILE B 60 -49.04 15.49 -19.54
CA ILE B 60 -48.77 14.08 -19.81
C ILE B 60 -47.27 13.81 -19.77
N LYS B 61 -46.47 14.77 -20.23
CA LYS B 61 -45.02 14.59 -20.26
C LYS B 61 -44.44 14.36 -18.87
N PHE B 62 -45.15 14.76 -17.82
CA PHE B 62 -44.63 14.60 -16.46
C PHE B 62 -44.79 13.19 -15.92
N LYS B 63 -45.63 12.36 -16.52
CA LYS B 63 -45.94 11.04 -16.00
C LYS B 63 -45.15 9.97 -16.75
N LYS B 64 -44.41 9.16 -16.00
CA LYS B 64 -43.70 8.02 -16.54
C LYS B 64 -43.91 6.82 -15.63
N CYS B 65 -43.69 5.63 -16.18
CA CYS B 65 -43.81 4.39 -15.42
C CYS B 65 -42.42 3.99 -14.91
N CYS B 66 -42.34 3.74 -13.61
CA CYS B 66 -41.08 3.42 -12.95
C CYS B 66 -41.15 2.01 -12.39
N TYR B 67 -40.10 1.22 -12.64
CA TYR B 67 -40.03 -0.15 -12.14
C TYR B 67 -38.59 -0.62 -12.20
N GLY B 68 -38.26 -1.56 -11.34
CA GLY B 68 -36.94 -2.16 -11.38
C GLY B 68 -36.54 -2.76 -10.05
N TYR B 69 -35.32 -3.27 -10.02
CA TYR B 69 -34.72 -3.87 -8.83
C TYR B 69 -34.93 -2.99 -7.61
N CYS B 70 -34.39 -1.77 -7.65
CA CYS B 70 -34.48 -0.87 -6.51
C CYS B 70 -35.92 -0.57 -6.15
N ILE B 71 -36.77 -0.41 -7.16
CA ILE B 71 -38.17 -0.10 -6.92
C ILE B 71 -38.90 -1.29 -6.29
N ASP B 72 -38.58 -2.50 -6.73
CA ASP B 72 -39.17 -3.68 -6.10
C ASP B 72 -38.75 -3.80 -4.64
N LEU B 73 -37.48 -3.51 -4.35
CA LEU B 73 -37.02 -3.53 -2.97
C LEU B 73 -37.75 -2.48 -2.14
N LEU B 74 -37.93 -1.28 -2.69
CA LEU B 74 -38.74 -0.26 -2.00
C LEU B 74 -40.15 -0.76 -1.76
N GLU B 75 -40.73 -1.47 -2.74
CA GLU B 75 -42.06 -2.01 -2.58
C GLU B 75 -42.12 -2.99 -1.41
N LYS B 76 -41.09 -3.80 -1.25
CA LYS B 76 -41.16 -4.70 -0.08
C LYS B 76 -41.09 -3.87 1.19
N ILE B 77 -40.15 -2.93 1.31
CA ILE B 77 -40.17 -2.13 2.55
C ILE B 77 -41.54 -1.48 2.77
N ALA B 78 -42.20 -1.03 1.71
CA ALA B 78 -43.52 -0.44 1.87
C ALA B 78 -44.51 -1.47 2.40
N GLU B 79 -44.45 -2.70 1.89
CA GLU B 79 -45.32 -3.76 2.39
C GLU B 79 -45.04 -4.06 3.86
N ASP B 80 -43.76 -4.13 4.24
CA ASP B 80 -43.43 -4.54 5.60
C ASP B 80 -43.74 -3.44 6.62
N MET B 81 -43.40 -2.19 6.29
CA MET B 81 -43.55 -1.09 7.24
C MET B 81 -44.90 -0.39 7.17
N ASN B 82 -45.73 -0.73 6.17
CA ASN B 82 -47.10 -0.22 6.08
C ASN B 82 -47.15 1.30 6.01
N PHE B 83 -46.58 1.84 4.94
CA PHE B 83 -46.65 3.26 4.64
C PHE B 83 -46.81 3.45 3.14
N ASP B 84 -47.58 4.48 2.76
CA ASP B 84 -47.78 4.79 1.35
C ASP B 84 -46.85 5.92 0.92
N PHE B 85 -46.50 5.91 -0.37
CA PHE B 85 -45.44 6.77 -0.87
C PHE B 85 -45.86 7.36 -2.21
N ASP B 86 -45.27 8.51 -2.51
CA ASP B 86 -45.27 9.09 -3.85
C ASP B 86 -43.85 9.09 -4.37
N LEU B 87 -43.69 8.99 -5.69
CA LEU B 87 -42.39 8.87 -6.31
C LEU B 87 -42.15 10.03 -7.27
N TYR B 88 -40.95 10.59 -7.24
CA TYR B 88 -40.61 11.63 -8.21
C TYR B 88 -39.12 11.58 -8.50
N ILE B 89 -38.74 12.20 -9.62
CA ILE B 89 -37.38 12.15 -10.13
C ILE B 89 -36.66 13.45 -9.81
N VAL B 90 -35.34 13.37 -9.65
CA VAL B 90 -34.56 14.52 -9.25
C VAL B 90 -34.76 15.68 -10.22
N GLY B 91 -34.67 16.90 -9.70
CA GLY B 91 -34.88 18.07 -10.54
C GLY B 91 -33.91 18.17 -11.69
N ASP B 92 -32.64 17.86 -11.43
CA ASP B 92 -31.62 17.82 -12.47
C ASP B 92 -30.99 16.45 -12.65
N GLY B 93 -30.94 15.64 -11.60
CA GLY B 93 -30.48 14.26 -11.71
C GLY B 93 -28.99 14.12 -11.87
N LYS B 94 -28.22 14.59 -10.88
CA LYS B 94 -26.77 14.50 -10.93
C LYS B 94 -26.22 14.10 -9.58
N TYR B 95 -26.85 13.13 -8.92
CA TYR B 95 -26.41 12.64 -7.62
C TYR B 95 -26.25 13.77 -6.62
N GLY B 96 -25.01 14.22 -6.40
CA GLY B 96 -24.77 15.33 -5.50
C GLY B 96 -23.33 15.49 -5.08
N ALA B 97 -22.87 16.73 -5.03
CA ALA B 97 -21.52 17.05 -4.58
C ALA B 97 -21.51 18.52 -4.18
N TRP B 98 -20.32 19.02 -3.84
CA TRP B 98 -20.18 20.41 -3.43
C TRP B 98 -20.13 21.32 -4.65
N LYS B 99 -20.90 22.40 -4.62
CA LYS B 99 -20.91 23.36 -5.72
C LYS B 99 -21.46 24.68 -5.20
N ASN B 100 -20.64 25.72 -5.24
CA ASN B 100 -21.02 27.06 -4.78
C ASN B 100 -21.51 27.03 -3.33
N GLY B 101 -20.80 26.28 -2.49
CA GLY B 101 -21.14 26.20 -1.07
C GLY B 101 -22.24 25.22 -0.70
N HIS B 102 -23.36 25.28 -1.40
CA HIS B 102 -24.49 24.39 -1.11
C HIS B 102 -24.35 23.08 -1.87
N TRP B 103 -25.12 22.09 -1.45
CA TRP B 103 -25.13 20.79 -2.09
C TRP B 103 -26.07 20.83 -3.30
N THR B 104 -26.22 19.68 -3.97
CA THR B 104 -26.96 19.65 -5.22
C THR B 104 -27.61 18.29 -5.42
N GLY B 105 -28.62 18.27 -6.28
CA GLY B 105 -29.19 17.02 -6.73
C GLY B 105 -29.85 16.23 -5.61
N LEU B 106 -29.49 14.96 -5.51
CA LEU B 106 -30.11 14.06 -4.53
C LEU B 106 -29.80 14.52 -3.11
N VAL B 107 -28.53 14.76 -2.81
CA VAL B 107 -28.15 15.18 -1.46
C VAL B 107 -28.75 16.53 -1.13
N GLY B 108 -28.73 17.46 -2.09
CA GLY B 108 -29.30 18.77 -1.85
C GLY B 108 -30.79 18.73 -1.60
N ASP B 109 -31.51 17.89 -2.34
CA ASP B 109 -32.95 17.77 -2.15
C ASP B 109 -33.27 17.06 -0.84
N LEU B 110 -32.41 16.14 -0.39
CA LEU B 110 -32.58 15.57 0.95
C LEU B 110 -32.39 16.64 2.02
N LEU B 111 -31.30 17.40 1.93
CA LEU B 111 -31.00 18.41 2.95
C LEU B 111 -32.05 19.51 2.98
N ARG B 112 -32.56 19.90 1.83
CA ARG B 112 -33.53 21.01 1.80
C ARG B 112 -34.94 20.53 2.09
N GLY B 113 -35.06 19.36 2.67
CA GLY B 113 -36.34 18.91 3.17
C GLY B 113 -37.44 18.85 2.12
N THR B 114 -37.12 18.27 0.96
CA THR B 114 -38.11 18.09 -0.10
C THR B 114 -38.70 16.69 -0.12
N ALA B 115 -37.86 15.67 0.02
CA ALA B 115 -38.30 14.28 0.06
C ALA B 115 -37.75 13.60 1.30
N HIS B 116 -38.51 12.63 1.80
CA HIS B 116 -38.16 11.93 3.03
C HIS B 116 -37.26 10.72 2.79
N MET B 117 -37.03 10.35 1.53
CA MET B 117 -36.21 9.18 1.22
C MET B 117 -35.50 9.40 -0.10
N ALA B 118 -34.40 8.67 -0.29
CA ALA B 118 -33.62 8.74 -1.53
C ALA B 118 -33.14 7.33 -1.83
N VAL B 119 -33.88 6.61 -2.66
CA VAL B 119 -33.65 5.20 -2.91
C VAL B 119 -33.29 5.03 -4.38
N THR B 120 -32.03 4.71 -4.65
CA THR B 120 -31.49 4.53 -5.99
C THR B 120 -30.05 4.08 -5.90
N SER B 121 -29.39 3.85 -7.03
CA SER B 121 -27.95 3.61 -7.01
C SER B 121 -27.28 4.82 -6.37
N PHE B 122 -26.74 4.62 -5.17
CA PHE B 122 -26.30 5.74 -4.32
C PHE B 122 -25.02 5.32 -3.61
N SER B 123 -23.88 5.68 -4.16
CA SER B 123 -22.59 5.37 -3.54
C SER B 123 -22.40 6.24 -2.32
N ILE B 124 -22.26 5.62 -1.15
CA ILE B 124 -22.07 6.35 0.09
C ILE B 124 -20.58 6.50 0.36
N ASN B 125 -20.19 7.67 0.88
CA ASN B 125 -18.79 7.93 1.20
C ASN B 125 -18.72 9.01 2.26
N THR B 126 -17.50 9.33 2.69
CA THR B 126 -17.24 10.22 3.82
C THR B 126 -17.92 11.58 3.67
N ALA B 127 -17.88 12.15 2.46
CA ALA B 127 -18.43 13.49 2.27
C ALA B 127 -19.92 13.54 2.54
N ARG B 128 -20.66 12.52 2.07
CA ARG B 128 -22.11 12.53 2.25
C ARG B 128 -22.54 11.92 3.58
N SER B 129 -21.68 11.09 4.19
CA SER B 129 -22.08 10.39 5.40
C SER B 129 -22.13 11.31 6.61
N GLN B 130 -21.31 12.37 6.61
CA GLN B 130 -21.25 13.27 7.75
C GLN B 130 -22.35 14.32 7.74
N VAL B 131 -23.03 14.53 6.61
CA VAL B 131 -24.06 15.54 6.50
C VAL B 131 -25.46 14.93 6.64
N ILE B 132 -25.70 13.78 6.02
CA ILE B 132 -26.99 13.11 6.11
C ILE B 132 -26.79 11.72 6.70
N ASP B 133 -27.88 10.96 6.83
CA ASP B 133 -27.85 9.64 7.45
C ASP B 133 -28.00 8.56 6.38
N PHE B 134 -27.26 7.47 6.56
CA PHE B 134 -27.27 6.35 5.63
C PHE B 134 -27.56 5.06 6.39
N THR B 135 -28.18 4.10 5.69
CA THR B 135 -28.54 2.81 6.27
C THR B 135 -27.46 1.79 5.98
N SER B 136 -27.74 0.53 6.30
CA SER B 136 -26.79 -0.54 6.02
C SER B 136 -26.71 -0.79 4.52
N PRO B 137 -25.52 -1.11 4.00
CA PRO B 137 -25.39 -1.35 2.56
C PRO B 137 -26.11 -2.62 2.14
N PHE B 138 -26.63 -2.60 0.91
CA PHE B 138 -27.26 -3.77 0.32
C PHE B 138 -26.56 -4.20 -0.98
N PHE B 139 -25.31 -3.79 -1.16
CA PHE B 139 -24.56 -4.12 -2.37
C PHE B 139 -23.11 -3.78 -2.13
N SER B 140 -22.23 -4.48 -2.86
CA SER B 140 -20.80 -4.18 -2.89
C SER B 140 -20.42 -3.86 -4.32
N THR B 141 -19.74 -2.75 -4.52
CA THR B 141 -19.46 -2.23 -5.86
C THR B 141 -17.98 -2.18 -6.07
N SER B 142 -17.56 -1.59 -7.21
CA SER B 142 -16.15 -1.38 -7.58
C SER B 142 -16.11 -0.35 -8.68
N LEU B 143 -14.91 -0.11 -9.19
CA LEU B 143 -14.72 0.81 -10.30
C LEU B 143 -13.99 0.08 -11.42
N GLY B 144 -14.53 0.19 -12.64
CA GLY B 144 -13.97 -0.52 -13.77
C GLY B 144 -13.81 0.41 -14.96
N ILE B 145 -13.10 -0.08 -15.96
CA ILE B 145 -12.78 0.68 -17.16
C ILE B 145 -13.39 -0.02 -18.37
N LEU B 146 -14.11 0.73 -19.19
CA LEU B 146 -14.78 0.21 -20.37
C LEU B 146 -14.07 0.73 -21.61
N VAL B 147 -13.66 -0.17 -22.49
CA VAL B 147 -12.95 0.17 -23.71
C VAL B 147 -13.60 -0.55 -24.88
N ARG B 148 -13.77 0.16 -25.99
CA ARG B 148 -14.46 -0.39 -27.14
C ARG B 148 -13.56 -1.41 -27.85
N THR B 149 -14.05 -1.94 -28.96
CA THR B 149 -13.33 -2.99 -29.67
C THR B 149 -12.09 -2.43 -30.35
N ARG B 150 -11.19 -3.35 -30.73
CA ARG B 150 -9.94 -3.01 -31.41
C ARG B 150 -9.10 -2.04 -30.60
N GLU B 266 -5.96 -1.96 -24.24
CA GLU B 266 -5.67 -2.82 -23.10
C GLU B 266 -4.92 -2.04 -22.02
N LEU B 267 -5.46 -2.06 -20.80
CA LEU B 267 -4.89 -1.33 -19.68
C LEU B 267 -4.41 -2.30 -18.61
N SER B 268 -3.52 -1.81 -17.75
CA SER B 268 -3.01 -2.59 -16.64
C SER B 268 -3.70 -2.26 -15.33
N GLY B 269 -4.73 -1.43 -15.34
CA GLY B 269 -5.43 -1.05 -14.13
C GLY B 269 -5.59 0.44 -13.97
N ILE B 270 -5.10 0.99 -12.87
CA ILE B 270 -5.19 2.42 -12.62
C ILE B 270 -3.82 3.11 -12.73
N HIS B 271 -2.72 2.38 -12.54
CA HIS B 271 -1.38 2.95 -12.65
C HIS B 271 -0.79 2.80 -14.05
N ASP B 272 -1.63 2.59 -15.05
CA ASP B 272 -1.14 2.40 -16.41
C ASP B 272 -0.51 3.69 -16.90
N PRO B 273 0.70 3.65 -17.46
CA PRO B 273 1.32 4.89 -17.96
C PRO B 273 0.55 5.57 -19.07
N LYS B 274 -0.33 4.84 -19.77
CA LYS B 274 -1.08 5.44 -20.86
C LYS B 274 -2.00 6.56 -20.36
N LEU B 275 -2.59 6.40 -19.17
CA LEU B 275 -3.52 7.37 -18.63
C LEU B 275 -2.89 8.26 -17.57
N HIS B 276 -1.56 8.30 -17.50
CA HIS B 276 -0.86 9.15 -16.54
C HIS B 276 -0.17 10.33 -17.18
N HIS B 277 0.71 10.09 -18.16
CA HIS B 277 1.42 11.17 -18.83
C HIS B 277 0.60 11.62 -20.03
N PRO B 278 0.04 12.82 -20.02
CA PRO B 278 -0.81 13.28 -21.12
C PRO B 278 -0.03 13.89 -22.27
N SER B 279 1.05 13.22 -22.68
CA SER B 279 1.78 13.64 -23.87
C SER B 279 1.08 13.14 -25.13
N GLN B 280 0.99 11.82 -25.27
CA GLN B 280 0.16 11.25 -26.33
C GLN B 280 -1.30 11.50 -26.01
N GLY B 281 -2.05 12.01 -26.99
CA GLY B 281 -3.41 12.41 -26.71
C GLY B 281 -4.33 11.25 -26.40
N PHE B 282 -4.64 11.08 -25.12
CA PHE B 282 -5.65 10.14 -24.65
C PHE B 282 -6.98 10.87 -24.46
N ARG B 283 -7.90 10.25 -23.73
CA ARG B 283 -9.30 10.64 -23.66
C ARG B 283 -9.78 10.35 -22.25
N PHE B 284 -11.09 10.16 -22.11
CA PHE B 284 -11.80 9.56 -20.97
C PHE B 284 -12.14 10.56 -19.88
N GLY B 285 -12.95 10.11 -18.92
CA GLY B 285 -13.42 10.92 -17.82
C GLY B 285 -14.71 10.35 -17.26
N THR B 286 -14.89 10.37 -15.95
CA THR B 286 -16.08 9.81 -15.33
C THR B 286 -17.28 10.68 -15.65
N VAL B 287 -18.45 10.25 -15.15
CA VAL B 287 -19.64 11.08 -15.26
C VAL B 287 -19.51 12.27 -14.33
N ARG B 288 -19.97 13.42 -14.78
CA ARG B 288 -19.80 14.65 -14.01
C ARG B 288 -20.60 14.59 -12.72
N GLU B 289 -19.97 15.06 -11.63
CA GLU B 289 -20.67 15.35 -10.37
C GLU B 289 -21.16 14.09 -9.69
N SER B 290 -20.36 13.03 -9.68
CA SER B 290 -20.69 11.78 -9.01
C SER B 290 -19.55 11.38 -8.07
N SER B 291 -19.71 10.21 -7.45
CA SER B 291 -18.67 9.71 -6.55
C SER B 291 -17.53 9.04 -7.30
N ALA B 292 -17.67 8.77 -8.59
CA ALA B 292 -16.57 8.24 -9.38
C ALA B 292 -15.53 9.29 -9.70
N GLU B 293 -15.83 10.57 -9.49
CA GLU B 293 -14.88 11.65 -9.67
C GLU B 293 -14.48 12.34 -8.37
N ASP B 294 -15.33 12.29 -7.35
CA ASP B 294 -14.95 12.86 -6.05
C ASP B 294 -13.76 12.12 -5.46
N TYR B 295 -13.74 10.79 -5.57
CA TYR B 295 -12.58 10.03 -5.15
C TYR B 295 -11.35 10.43 -5.94
N VAL B 296 -11.48 10.55 -7.25
CA VAL B 296 -10.35 10.93 -8.09
C VAL B 296 -9.88 12.34 -7.75
N ARG B 297 -10.82 13.27 -7.61
CA ARG B 297 -10.44 14.65 -7.33
C ARG B 297 -9.76 14.80 -5.98
N GLN B 298 -10.27 14.09 -4.96
CA GLN B 298 -9.75 14.29 -3.61
C GLN B 298 -8.47 13.50 -3.36
N SER B 299 -8.39 12.28 -3.87
CA SER B 299 -7.25 11.42 -3.59
C SER B 299 -6.27 11.34 -4.75
N PHE B 300 -6.47 12.12 -5.80
CA PHE B 300 -5.60 12.05 -6.96
C PHE B 300 -5.76 13.32 -7.79
N PRO B 301 -5.27 14.46 -7.30
CA PRO B 301 -5.70 15.74 -7.88
C PRO B 301 -5.02 16.12 -9.18
N GLU B 302 -3.86 15.55 -9.50
CA GLU B 302 -3.13 16.03 -10.67
C GLU B 302 -3.89 15.78 -11.97
N MET B 303 -4.52 14.61 -12.11
CA MET B 303 -5.28 14.34 -13.33
C MET B 303 -6.77 14.67 -13.16
N HIS B 304 -7.07 15.85 -12.63
CA HIS B 304 -8.46 16.27 -12.49
C HIS B 304 -8.90 17.20 -13.60
N GLU B 305 -8.05 18.14 -14.02
CA GLU B 305 -8.41 19.02 -15.13
C GLU B 305 -8.51 18.22 -16.43
N TYR B 306 -7.61 17.27 -16.63
CA TYR B 306 -7.64 16.45 -17.84
C TYR B 306 -8.95 15.68 -17.95
N MET B 307 -9.42 15.13 -16.83
CA MET B 307 -10.75 14.54 -16.84
C MET B 307 -11.84 15.60 -16.93
N ARG B 308 -11.54 16.83 -16.50
CA ARG B 308 -12.56 17.87 -16.47
C ARG B 308 -12.92 18.33 -17.88
N ARG B 309 -11.94 18.38 -18.78
CA ARG B 309 -12.26 18.78 -20.15
C ARG B 309 -13.05 17.69 -20.87
N TYR B 310 -12.82 16.43 -20.52
CA TYR B 310 -13.50 15.29 -21.15
C TYR B 310 -14.38 14.61 -20.10
N ASN B 311 -15.62 15.08 -19.97
CA ASN B 311 -16.58 14.50 -19.04
C ASN B 311 -17.91 14.28 -19.76
N VAL B 312 -18.82 13.58 -19.08
CA VAL B 312 -20.11 13.26 -19.67
C VAL B 312 -21.23 13.57 -18.67
N PRO B 313 -22.36 14.10 -19.13
CA PRO B 313 -23.46 14.40 -18.21
C PRO B 313 -24.11 13.16 -17.61
N ALA B 314 -24.47 12.19 -18.44
CA ALA B 314 -25.14 10.99 -18.00
C ALA B 314 -24.42 9.75 -18.53
N THR B 315 -24.44 8.69 -17.74
CA THR B 315 -23.70 7.47 -18.11
C THR B 315 -24.12 6.89 -19.46
N PRO B 316 -25.42 6.78 -19.80
CA PRO B 316 -25.75 6.32 -21.15
C PRO B 316 -25.16 7.20 -22.24
N ASP B 317 -25.11 8.51 -22.02
CA ASP B 317 -24.50 9.39 -23.00
C ASP B 317 -23.02 9.09 -23.15
N GLY B 318 -22.32 8.83 -22.04
CA GLY B 318 -20.91 8.49 -22.13
C GLY B 318 -20.67 7.17 -22.86
N VAL B 319 -21.46 6.15 -22.53
CA VAL B 319 -21.26 4.85 -23.18
C VAL B 319 -21.63 4.93 -24.66
N GLU B 320 -22.55 5.84 -25.03
CA GLU B 320 -22.83 6.05 -26.44
C GLU B 320 -21.71 6.83 -27.12
N TYR B 321 -21.08 7.77 -26.41
CA TYR B 321 -19.93 8.49 -26.96
C TYR B 321 -18.78 7.53 -27.24
N LEU B 322 -18.54 6.58 -26.33
CA LEU B 322 -17.49 5.61 -26.55
C LEU B 322 -17.79 4.69 -27.72
N LYS B 323 -19.07 4.42 -27.98
CA LYS B 323 -19.49 3.46 -29.00
C LYS B 323 -19.90 4.14 -30.30
N ASN B 324 -19.36 5.32 -30.59
CA ASN B 324 -19.71 6.06 -31.79
C ASN B 324 -18.45 6.39 -32.58
N ASP B 325 -18.54 6.23 -33.90
CA ASP B 325 -17.47 6.58 -34.83
C ASP B 325 -17.63 8.02 -35.30
N PRO B 326 -16.57 8.84 -35.25
CA PRO B 326 -15.20 8.55 -34.81
C PRO B 326 -15.08 8.47 -33.29
N GLU B 327 -14.06 7.79 -32.79
CA GLU B 327 -13.84 7.69 -31.36
C GLU B 327 -13.60 9.06 -30.77
N LYS B 328 -14.51 9.49 -29.89
CA LYS B 328 -14.39 10.79 -29.24
C LYS B 328 -13.75 10.70 -27.87
N LEU B 329 -14.28 9.86 -26.99
CA LEU B 329 -13.77 9.69 -25.63
C LEU B 329 -13.48 8.21 -25.41
N ASP B 330 -12.27 7.78 -25.75
CA ASP B 330 -11.85 6.43 -25.46
C ASP B 330 -11.80 6.21 -23.96
N ALA B 331 -11.94 4.94 -23.55
CA ALA B 331 -11.94 4.53 -22.15
C ALA B 331 -13.07 5.16 -21.35
N PHE B 332 -13.16 4.81 -20.06
CA PHE B 332 -14.27 5.24 -19.21
C PHE B 332 -13.98 4.80 -17.79
N ILE B 333 -14.57 5.51 -16.83
CA ILE B 333 -14.49 5.17 -15.41
C ILE B 333 -15.89 5.30 -14.83
N MET B 334 -16.35 4.26 -14.15
CA MET B 334 -17.68 4.26 -13.51
C MET B 334 -17.78 3.03 -12.62
N ASP B 335 -18.96 2.85 -12.01
CA ASP B 335 -19.20 1.75 -11.11
C ASP B 335 -19.18 0.42 -11.86
N LYS B 336 -18.74 -0.63 -11.17
CA LYS B 336 -18.57 -1.93 -11.81
C LYS B 336 -19.90 -2.53 -12.24
N ALA B 337 -20.93 -2.41 -11.39
CA ALA B 337 -22.20 -3.08 -11.69
C ALA B 337 -22.88 -2.49 -12.92
N LEU B 338 -22.93 -1.16 -13.02
CA LEU B 338 -23.58 -0.53 -14.16
C LEU B 338 -22.85 -0.87 -15.45
N LEU B 339 -21.52 -0.83 -15.45
CA LEU B 339 -20.76 -1.19 -16.63
C LEU B 339 -20.97 -2.65 -17.00
N ASP B 340 -20.98 -3.54 -15.99
CA ASP B 340 -21.15 -4.96 -16.27
C ASP B 340 -22.52 -5.26 -16.84
N TYR B 341 -23.55 -4.52 -16.43
CA TYR B 341 -24.85 -4.69 -17.07
C TYR B 341 -24.85 -4.12 -18.47
N GLU B 342 -24.23 -2.95 -18.66
CA GLU B 342 -24.31 -2.29 -19.95
C GLU B 342 -23.55 -3.04 -21.04
N VAL B 343 -22.45 -3.71 -20.67
CA VAL B 343 -21.70 -4.46 -21.68
C VAL B 343 -22.48 -5.67 -22.17
N SER B 344 -23.29 -6.29 -21.30
CA SER B 344 -23.95 -7.55 -21.59
C SER B 344 -25.37 -7.38 -22.10
N ILE B 345 -25.65 -6.29 -22.81
CA ILE B 345 -26.92 -6.15 -23.53
C ILE B 345 -26.73 -5.92 -25.01
N ASP B 346 -25.53 -5.57 -25.47
CA ASP B 346 -25.30 -5.36 -26.88
C ASP B 346 -25.24 -6.71 -27.62
N ALA B 347 -25.45 -6.63 -28.93
CA ALA B 347 -25.45 -7.84 -29.77
C ALA B 347 -24.05 -8.23 -30.21
N ASP B 348 -23.24 -7.25 -30.65
CA ASP B 348 -21.89 -7.56 -31.09
C ASP B 348 -21.00 -8.02 -29.94
N CYS B 349 -21.29 -7.56 -28.72
CA CYS B 349 -20.53 -7.94 -27.52
C CYS B 349 -19.04 -7.66 -27.70
N LYS B 350 -18.74 -6.42 -28.08
CA LYS B 350 -17.37 -6.00 -28.33
C LYS B 350 -16.74 -5.27 -27.16
N LEU B 351 -17.52 -4.52 -26.38
CA LEU B 351 -16.99 -3.84 -25.22
C LEU B 351 -16.63 -4.86 -24.13
N LEU B 352 -15.85 -4.42 -23.16
CA LEU B 352 -15.39 -5.31 -22.10
C LEU B 352 -14.92 -4.47 -20.92
N THR B 353 -14.47 -5.16 -19.87
CA THR B 353 -13.98 -4.53 -18.65
C THR B 353 -12.52 -4.93 -18.44
N VAL B 354 -11.68 -3.93 -18.17
CA VAL B 354 -10.25 -4.14 -17.97
C VAL B 354 -9.86 -3.56 -16.62
N GLY B 355 -8.79 -4.09 -16.05
CA GLY B 355 -8.25 -3.58 -14.80
C GLY B 355 -8.62 -4.47 -13.62
N LYS B 356 -8.39 -3.91 -12.44
CA LYS B 356 -8.65 -4.60 -11.18
C LYS B 356 -9.50 -3.71 -10.28
N PRO B 357 -10.26 -4.32 -9.36
CA PRO B 357 -11.12 -3.52 -8.48
C PRO B 357 -10.30 -2.56 -7.61
N PHE B 358 -10.88 -1.39 -7.37
CA PHE B 358 -10.24 -0.37 -6.55
C PHE B 358 -11.30 0.61 -6.06
N ALA B 359 -11.09 1.13 -4.84
CA ALA B 359 -11.96 2.12 -4.23
C ALA B 359 -13.40 1.61 -4.13
N ILE B 360 -13.55 0.57 -3.32
CA ILE B 360 -14.85 -0.06 -3.11
C ILE B 360 -15.56 0.64 -1.95
N GLU B 361 -16.80 1.07 -2.18
CA GLU B 361 -17.58 1.78 -1.17
C GLU B 361 -18.79 1.01 -0.69
N GLY B 362 -19.66 0.59 -1.59
CA GLY B 362 -20.90 -0.04 -1.21
C GLY B 362 -22.08 0.92 -1.30
N TYR B 363 -23.24 0.39 -1.63
CA TYR B 363 -24.43 1.19 -1.87
C TYR B 363 -25.18 1.43 -0.55
N GLY B 364 -26.40 1.94 -0.66
CA GLY B 364 -27.21 2.23 0.50
C GLY B 364 -28.43 3.02 0.10
N ILE B 365 -29.30 3.24 1.09
CA ILE B 365 -30.53 4.00 0.90
C ILE B 365 -30.38 5.34 1.59
N GLY B 366 -30.63 6.41 0.85
CA GLY B 366 -30.49 7.74 1.42
C GLY B 366 -31.58 8.03 2.44
N LEU B 367 -31.21 8.77 3.47
CA LEU B 367 -32.13 9.15 4.54
C LEU B 367 -31.83 10.59 4.97
N PRO B 368 -32.82 11.27 5.53
CA PRO B 368 -32.62 12.66 5.98
C PRO B 368 -31.67 12.71 7.16
N PRO B 369 -31.45 13.89 7.77
CA PRO B 369 -30.52 13.97 8.91
C PRO B 369 -31.07 13.25 10.14
N ASN B 370 -30.71 11.98 10.24
CA ASN B 370 -31.07 11.03 11.32
C ASN B 370 -32.50 11.24 11.82
N SER B 371 -33.43 10.99 10.89
CA SER B 371 -34.84 10.90 11.21
C SER B 371 -35.08 9.67 12.09
N PRO B 372 -36.20 9.65 12.83
CA PRO B 372 -36.44 8.51 13.75
C PRO B 372 -36.44 7.14 13.07
N LEU B 373 -36.88 7.05 11.82
CA LEU B 373 -36.98 5.76 11.15
C LEU B 373 -35.63 5.23 10.66
N THR B 374 -34.51 5.83 11.08
CA THR B 374 -33.21 5.40 10.60
C THR B 374 -32.81 4.03 11.12
N ALA B 375 -33.47 3.54 12.17
CA ALA B 375 -33.01 2.33 12.84
C ALA B 375 -33.68 1.06 12.31
N ASN B 376 -35.01 1.08 12.16
CA ASN B 376 -35.71 -0.13 11.75
C ASN B 376 -35.30 -0.56 10.35
N ILE B 377 -35.24 0.38 9.41
CA ILE B 377 -35.02 0.02 8.01
C ILE B 377 -33.71 -0.74 7.87
N SER B 378 -32.69 -0.34 8.62
CA SER B 378 -31.40 -1.02 8.55
C SER B 378 -31.55 -2.50 8.92
N GLU B 379 -32.25 -2.78 10.01
CA GLU B 379 -32.40 -4.17 10.42
C GLU B 379 -33.28 -4.95 9.44
N LEU B 380 -34.29 -4.32 8.83
CA LEU B 380 -35.05 -5.03 7.81
C LEU B 380 -34.16 -5.41 6.62
N ILE B 381 -33.39 -4.45 6.10
CA ILE B 381 -32.52 -4.77 4.97
C ILE B 381 -31.53 -5.86 5.36
N SER B 382 -31.01 -5.81 6.59
CA SER B 382 -30.16 -6.89 7.06
C SER B 382 -30.89 -8.22 7.01
N GLN B 383 -32.17 -8.22 7.38
CA GLN B 383 -32.95 -9.47 7.38
C GLN B 383 -33.12 -10.02 5.98
N TYR B 384 -33.52 -9.19 5.00
CA TYR B 384 -33.68 -9.74 3.65
C TYR B 384 -32.34 -10.14 3.06
N LYS B 385 -31.28 -9.40 3.37
CA LYS B 385 -29.96 -9.79 2.91
C LYS B 385 -29.57 -11.16 3.45
N SER B 386 -29.91 -11.42 4.71
CA SER B 386 -29.56 -12.69 5.32
C SER B 386 -30.39 -13.85 4.77
N HIS B 387 -31.70 -13.66 4.64
CA HIS B 387 -32.56 -14.83 4.47
C HIS B 387 -32.60 -15.34 3.03
N GLY B 388 -33.27 -14.62 2.13
CA GLY B 388 -33.38 -15.11 0.77
C GLY B 388 -33.52 -14.11 -0.36
N PHE B 389 -33.57 -12.82 -0.06
CA PHE B 389 -34.10 -11.87 -1.04
C PHE B 389 -33.05 -11.35 -2.01
N MET B 390 -31.83 -11.09 -1.53
CA MET B 390 -30.82 -10.47 -2.38
C MET B 390 -30.49 -11.35 -3.58
N ASP B 391 -30.35 -12.66 -3.36
CA ASP B 391 -29.96 -13.55 -4.45
C ASP B 391 -31.03 -13.61 -5.53
N MET B 392 -32.27 -13.74 -5.05
CA MET B 392 -33.48 -13.81 -5.90
C MET B 392 -33.43 -12.58 -6.79
N LEU B 393 -33.49 -11.45 -6.12
CA LEU B 393 -33.66 -10.17 -6.78
C LEU B 393 -32.49 -9.85 -7.70
N HIS B 394 -31.29 -10.32 -7.38
CA HIS B 394 -30.14 -10.05 -8.22
C HIS B 394 -30.16 -10.91 -9.48
N ASP B 395 -30.54 -12.18 -9.34
CA ASP B 395 -30.57 -13.06 -10.50
C ASP B 395 -31.70 -12.72 -11.47
N LYS B 396 -32.73 -12.02 -11.00
CA LYS B 396 -33.89 -11.75 -11.84
C LYS B 396 -33.63 -10.67 -12.88
N TRP B 397 -32.56 -9.89 -12.74
CA TRP B 397 -32.30 -8.78 -13.64
C TRP B 397 -30.97 -8.85 -14.38
N TYR B 398 -29.96 -9.52 -13.80
CA TYR B 398 -28.67 -9.69 -14.47
C TYR B 398 -28.78 -10.93 -15.35
N ARG B 399 -29.38 -10.72 -16.53
CA ARG B 399 -29.64 -11.84 -17.50
C ARG B 399 -28.90 -11.58 -18.79
N VAL B 400 -29.25 -12.33 -19.88
CA VAL B 400 -28.75 -12.34 -21.26
C VAL B 400 -27.42 -13.06 -21.33
N VAL B 401 -27.21 -13.80 -22.41
CA VAL B 401 -26.03 -14.65 -22.59
C VAL B 401 -24.84 -13.81 -23.02
N PRO B 402 -23.65 -14.01 -22.46
CA PRO B 402 -22.44 -13.36 -22.98
C PRO B 402 -22.02 -13.98 -24.30
N CYS B 403 -21.59 -13.14 -25.24
CA CYS B 403 -21.18 -13.61 -26.56
C CYS B 403 -19.83 -14.31 -26.50
N SER C 1 0.84 49.61 0.21
CA SER C 1 -0.45 49.96 -0.37
C SER C 1 -0.30 50.47 -1.80
N THR C 2 -1.41 50.46 -2.54
CA THR C 2 -1.46 50.96 -3.91
C THR C 2 -0.41 50.30 -4.80
N ARG C 3 0.68 51.02 -5.08
CA ARG C 3 1.68 50.51 -6.00
C ARG C 3 2.36 49.26 -5.45
N LEU C 4 2.35 48.20 -6.25
CA LEU C 4 2.99 46.94 -5.89
C LEU C 4 4.00 46.57 -6.96
N LYS C 5 5.22 46.25 -6.53
CA LYS C 5 6.28 45.83 -7.45
C LYS C 5 6.41 44.31 -7.39
N ILE C 6 6.34 43.67 -8.54
CA ILE C 6 6.18 42.22 -8.65
C ILE C 6 7.41 41.63 -9.33
N VAL C 7 7.68 40.36 -9.05
CA VAL C 7 8.84 39.66 -9.56
C VAL C 7 8.38 38.41 -10.31
N THR C 8 8.93 38.20 -11.51
CA THR C 8 8.58 37.05 -12.34
C THR C 8 9.84 36.34 -12.82
N ILE C 9 9.69 35.39 -13.74
CA ILE C 9 10.80 34.58 -14.25
C ILE C 9 10.52 34.15 -15.67
N HIS C 10 11.54 33.58 -16.33
CA HIS C 10 11.47 33.12 -17.71
C HIS C 10 11.39 31.60 -17.72
N GLN C 11 10.25 31.05 -18.11
CA GLN C 11 10.13 29.65 -18.48
C GLN C 11 8.80 29.36 -19.17
N GLU C 12 8.85 28.70 -20.32
CA GLU C 12 7.62 28.37 -21.04
C GLU C 12 6.81 27.36 -20.24
N PRO C 13 5.48 27.50 -20.22
CA PRO C 13 4.66 28.53 -20.84
C PRO C 13 4.30 29.65 -19.88
N PHE C 14 5.03 29.81 -18.78
CA PHE C 14 4.74 30.85 -17.80
C PHE C 14 5.68 32.01 -18.05
N VAL C 15 5.18 33.03 -18.77
CA VAL C 15 5.88 34.29 -19.01
C VAL C 15 7.01 34.11 -20.00
N TYR C 16 6.78 34.53 -21.25
CA TYR C 16 7.86 34.73 -22.20
C TYR C 16 8.45 36.12 -22.02
N VAL C 17 9.66 36.32 -22.53
CA VAL C 17 10.35 37.59 -22.35
C VAL C 17 10.81 38.16 -23.70
N LYS C 18 10.07 37.87 -24.76
CA LYS C 18 10.49 38.28 -26.10
C LYS C 18 10.70 39.79 -26.16
N PRO C 19 11.85 40.26 -26.66
CA PRO C 19 12.12 41.69 -26.67
C PRO C 19 11.22 42.46 -27.62
N THR C 20 11.03 43.74 -27.32
CA THR C 20 10.20 44.62 -28.09
C THR C 20 11.01 45.31 -29.18
N MET C 21 10.36 46.19 -29.93
CA MET C 21 11.01 46.93 -31.01
C MET C 21 11.73 48.15 -30.44
N SER C 22 12.22 49.02 -31.33
CA SER C 22 13.01 50.17 -30.89
C SER C 22 12.12 51.26 -30.30
N ASP C 23 10.89 51.41 -30.80
CA ASP C 23 10.03 52.49 -30.35
C ASP C 23 9.69 52.36 -28.87
N GLY C 24 9.41 51.13 -28.42
CA GLY C 24 9.08 50.90 -27.03
C GLY C 24 7.82 50.09 -26.84
N THR C 25 6.85 50.27 -27.72
CA THR C 25 5.61 49.51 -27.64
C THR C 25 5.86 48.05 -28.02
N CYS C 26 4.87 47.22 -27.76
CA CYS C 26 4.93 45.79 -28.07
C CYS C 26 3.97 45.46 -29.19
N LYS C 27 4.44 44.69 -30.17
CA LYS C 27 3.62 44.33 -31.31
C LYS C 27 2.45 43.45 -30.88
N GLU C 28 1.33 43.60 -31.58
CA GLU C 28 0.10 42.90 -31.23
C GLU C 28 0.18 41.45 -31.68
N GLU C 29 0.39 40.55 -30.72
CA GLU C 29 0.34 39.13 -30.99
C GLU C 29 -1.11 38.65 -30.96
N PHE C 30 -1.39 37.58 -31.71
CA PHE C 30 -2.74 37.09 -31.91
C PHE C 30 -2.89 35.72 -31.27
N THR C 31 -4.08 35.42 -30.75
CA THR C 31 -4.37 34.14 -30.13
C THR C 31 -5.10 33.24 -31.13
N VAL C 32 -5.52 32.06 -30.65
CA VAL C 32 -6.12 31.06 -31.53
C VAL C 32 -7.51 31.52 -31.98
N ASN C 33 -8.31 32.01 -31.04
CA ASN C 33 -9.74 32.26 -31.29
C ASN C 33 -10.04 33.73 -31.52
N GLY C 34 -9.14 34.46 -32.19
CA GLY C 34 -9.42 35.83 -32.60
C GLY C 34 -9.57 36.82 -31.47
N ASP C 35 -8.57 36.91 -30.60
CA ASP C 35 -8.55 37.87 -29.51
C ASP C 35 -7.14 38.40 -29.34
N PRO C 36 -6.99 39.60 -28.77
CA PRO C 36 -5.66 40.07 -28.41
C PRO C 36 -5.18 39.44 -27.12
N VAL C 37 -3.87 39.21 -27.05
CA VAL C 37 -3.23 38.62 -25.88
C VAL C 37 -2.64 39.74 -25.03
N LYS C 38 -3.00 39.76 -23.75
CA LYS C 38 -2.52 40.79 -22.85
C LYS C 38 -1.03 40.63 -22.59
N LYS C 39 -0.31 41.75 -22.58
CA LYS C 39 1.12 41.74 -22.36
C LYS C 39 1.50 42.97 -21.55
N VAL C 40 2.61 42.87 -20.82
CA VAL C 40 3.08 43.96 -19.98
C VAL C 40 4.55 44.23 -20.28
N ILE C 41 5.00 45.40 -19.87
CA ILE C 41 6.39 45.81 -20.04
C ILE C 41 7.14 45.44 -18.77
N CYS C 42 8.15 44.59 -18.91
CA CYS C 42 8.89 44.04 -17.78
C CYS C 42 10.38 44.30 -17.96
N THR C 43 11.01 44.86 -16.94
CA THR C 43 12.42 45.21 -16.98
C THR C 43 13.24 44.15 -16.25
N GLY C 44 14.48 43.96 -16.69
CA GLY C 44 15.35 43.00 -16.08
C GLY C 44 16.71 42.91 -16.77
N PRO C 45 17.55 41.98 -16.31
CA PRO C 45 18.88 41.84 -16.89
C PRO C 45 18.81 41.32 -18.32
N ASN C 46 19.97 41.36 -18.98
CA ASN C 46 20.16 40.80 -20.32
C ASN C 46 20.92 39.50 -20.27
N ASP C 47 20.64 38.66 -19.26
CA ASP C 47 21.30 37.38 -19.05
C ASP C 47 22.77 37.56 -18.68
N THR C 48 23.47 36.45 -18.44
CA THR C 48 24.86 36.54 -17.99
C THR C 48 25.75 37.17 -19.05
N SER C 49 25.56 36.81 -20.32
CA SER C 49 26.42 37.29 -21.39
C SER C 49 25.89 38.61 -21.97
N PRO C 50 26.64 39.21 -22.93
CA PRO C 50 26.17 40.44 -23.59
C PRO C 50 25.85 41.59 -22.65
N GLY C 51 25.34 42.68 -23.22
CA GLY C 51 24.97 43.84 -22.43
C GLY C 51 26.17 44.57 -21.86
N SER C 52 25.87 45.62 -21.10
CA SER C 52 26.90 46.39 -20.41
C SER C 52 27.10 45.86 -18.98
N PRO C 53 26.03 45.88 -18.17
CA PRO C 53 26.08 45.36 -16.82
C PRO C 53 24.78 44.64 -16.45
N ARG C 54 24.11 44.06 -17.45
CA ARG C 54 22.85 43.34 -17.25
C ARG C 54 21.78 44.23 -16.61
N HIS C 55 21.55 45.37 -17.24
CA HIS C 55 20.52 46.33 -16.85
C HIS C 55 19.79 46.82 -18.09
N THR C 56 19.43 45.88 -18.96
CA THR C 56 19.01 46.21 -20.32
C THR C 56 17.65 46.91 -20.32
N VAL C 57 17.27 47.36 -21.51
CA VAL C 57 16.03 48.09 -21.74
C VAL C 57 14.86 47.14 -21.56
N PRO C 58 13.65 47.63 -21.34
CA PRO C 58 12.53 46.73 -21.01
C PRO C 58 12.21 45.75 -22.14
N GLN C 59 11.61 44.63 -21.73
CA GLN C 59 11.15 43.56 -22.61
C GLN C 59 9.65 43.38 -22.42
N CYS C 60 9.08 42.42 -23.13
CA CYS C 60 7.65 42.13 -23.07
C CYS C 60 7.40 40.81 -22.36
N CYS C 61 6.38 40.79 -21.50
CA CYS C 61 6.01 39.61 -20.73
C CYS C 61 4.54 39.29 -20.99
N TYR C 62 4.26 38.04 -21.38
CA TYR C 62 2.88 37.62 -21.60
C TYR C 62 2.81 36.09 -21.55
N GLY C 63 2.12 35.56 -20.56
CA GLY C 63 1.82 34.13 -20.57
C GLY C 63 1.26 33.59 -19.27
N PHE C 64 0.18 32.80 -19.37
CA PHE C 64 -0.54 32.23 -18.24
C PHE C 64 -0.52 33.11 -16.99
N CYS C 65 0.64 33.17 -16.33
CA CYS C 65 0.74 33.85 -15.05
C CYS C 65 0.35 35.32 -15.16
N ILE C 66 0.71 35.97 -16.27
CA ILE C 66 0.40 37.39 -16.45
C ILE C 66 -1.11 37.59 -16.52
N ASP C 67 -1.82 36.64 -17.12
CA ASP C 67 -3.27 36.73 -17.13
C ASP C 67 -3.84 36.70 -15.72
N LEU C 68 -3.31 35.82 -14.87
CA LEU C 68 -3.76 35.76 -13.49
C LEU C 68 -3.44 37.07 -12.75
N LEU C 69 -2.26 37.63 -13.00
CA LEU C 69 -1.91 38.91 -12.39
C LEU C 69 -2.87 40.01 -12.81
N ILE C 70 -3.22 40.05 -14.09
CA ILE C 70 -4.15 41.07 -14.58
C ILE C 70 -5.53 40.88 -13.97
N LYS C 71 -5.98 39.62 -13.84
CA LYS C 71 -7.28 39.38 -13.21
C LYS C 71 -7.27 39.83 -11.75
N LEU C 72 -6.17 39.55 -11.03
CA LEU C 72 -6.06 40.02 -9.65
C LEU C 72 -6.12 41.54 -9.59
N ALA C 73 -5.43 42.21 -10.51
CA ALA C 73 -5.46 43.67 -10.54
C ALA C 73 -6.86 44.18 -10.79
N ARG C 74 -7.59 43.56 -11.71
CA ARG C 74 -8.96 43.98 -11.98
C ARG C 74 -9.84 43.79 -10.76
N THR C 75 -9.72 42.65 -10.08
CA THR C 75 -10.60 42.34 -8.96
C THR C 75 -10.15 42.99 -7.65
N MET C 76 -8.99 43.64 -7.62
CA MET C 76 -8.48 44.23 -6.39
C MET C 76 -8.29 45.73 -6.45
N ASN C 77 -8.33 46.35 -7.63
CA ASN C 77 -8.14 47.78 -7.80
C ASN C 77 -6.79 48.23 -7.24
N PHE C 78 -5.73 47.72 -7.87
CA PHE C 78 -4.37 48.14 -7.54
C PHE C 78 -3.51 48.09 -8.79
N THR C 79 -2.41 48.83 -8.76
CA THR C 79 -1.53 48.98 -9.91
C THR C 79 -0.17 48.33 -9.64
N TYR C 80 0.49 47.88 -10.71
CA TYR C 80 1.69 47.08 -10.60
C TYR C 80 2.77 47.62 -11.53
N GLU C 81 4.00 47.16 -11.28
CA GLU C 81 5.14 47.46 -12.14
C GLU C 81 6.05 46.23 -12.09
N VAL C 82 5.89 45.34 -13.06
CA VAL C 82 6.52 44.03 -13.01
C VAL C 82 7.98 44.15 -13.45
N HIS C 83 8.88 43.54 -12.69
CA HIS C 83 10.29 43.50 -13.01
C HIS C 83 10.81 42.07 -12.83
N LEU C 84 11.86 41.74 -13.57
CA LEU C 84 12.38 40.38 -13.60
C LEU C 84 13.36 40.13 -12.46
N VAL C 85 13.76 38.88 -12.32
CA VAL C 85 14.67 38.47 -11.26
C VAL C 85 16.10 38.78 -11.67
N ALA C 86 16.92 39.17 -10.69
CA ALA C 86 18.30 39.54 -10.99
C ALA C 86 19.11 38.36 -11.52
N ASP C 87 18.96 37.18 -10.92
CA ASP C 87 19.78 36.03 -11.27
C ASP C 87 19.03 35.01 -12.13
N GLY C 88 17.89 34.53 -11.65
CA GLY C 88 17.10 33.53 -12.35
C GLY C 88 16.89 32.25 -11.57
N LYS C 89 17.68 32.00 -10.54
CA LYS C 89 17.48 30.80 -9.72
C LYS C 89 16.19 30.93 -8.92
N PHE C 90 15.48 29.81 -8.77
CA PHE C 90 14.20 29.85 -8.07
C PHE C 90 14.34 30.26 -6.63
N GLY C 91 15.40 29.82 -5.96
CA GLY C 91 15.64 30.25 -4.59
C GLY C 91 15.53 29.14 -3.57
N THR C 92 16.64 28.76 -2.97
CA THR C 92 16.67 27.73 -1.93
C THR C 92 17.44 28.25 -0.73
N GLN C 93 17.22 27.58 0.40
CA GLN C 93 17.88 27.98 1.65
C GLN C 93 19.38 27.74 1.53
N GLU C 94 20.16 28.81 1.61
CA GLU C 94 21.60 28.75 1.42
C GLU C 94 22.33 29.32 2.62
N ARG C 95 23.58 28.91 2.79
CA ARG C 95 24.42 29.37 3.87
C ARG C 95 25.67 30.02 3.30
N VAL C 96 25.89 31.30 3.64
CA VAL C 96 27.12 31.96 3.23
C VAL C 96 28.31 31.37 3.99
N ASN C 97 28.10 30.98 5.25
CA ASN C 97 29.06 30.37 6.15
C ASN C 97 30.20 31.32 6.54
N ASN C 98 30.20 32.55 6.03
CA ASN C 98 31.16 33.54 6.50
C ASN C 98 30.74 34.18 7.81
N SER C 99 29.48 34.02 8.22
CA SER C 99 29.01 34.51 9.51
C SER C 99 28.09 33.52 10.20
N ASN C 100 28.10 32.24 9.77
CA ASN C 100 27.23 31.21 10.32
C ASN C 100 25.76 31.61 10.25
N LYS C 101 25.36 32.14 9.09
CA LYS C 101 24.01 32.64 8.89
C LYS C 101 23.41 32.00 7.65
N LYS C 102 22.08 31.89 7.66
CA LYS C 102 21.32 31.33 6.55
C LYS C 102 20.71 32.47 5.75
N GLU C 103 20.99 32.49 4.45
CA GLU C 103 20.46 33.53 3.57
C GLU C 103 19.90 32.91 2.30
N TRP C 104 18.83 33.49 1.81
CA TRP C 104 18.16 32.98 0.61
C TRP C 104 18.86 33.51 -0.63
N ASN C 105 18.24 33.30 -1.80
CA ASN C 105 18.79 33.77 -3.05
C ASN C 105 17.67 33.88 -4.08
N GLY C 106 17.91 34.68 -5.11
CA GLY C 106 16.92 34.83 -6.16
C GLY C 106 15.62 35.40 -5.64
N MET C 107 14.52 34.75 -5.99
CA MET C 107 13.20 35.26 -5.62
C MET C 107 13.01 35.31 -4.12
N MET C 108 13.45 34.26 -3.41
CA MET C 108 13.28 34.24 -1.96
C MET C 108 14.01 35.39 -1.29
N GLY C 109 15.27 35.61 -1.67
CA GLY C 109 16.02 36.70 -1.10
C GLY C 109 15.46 38.06 -1.46
N GLU C 110 15.04 38.23 -2.71
CA GLU C 110 14.45 39.50 -3.12
C GLU C 110 13.06 39.71 -2.55
N LEU C 111 12.44 38.67 -2.00
CA LEU C 111 11.18 38.85 -1.28
C LEU C 111 11.44 39.23 0.18
N LEU C 112 12.33 38.50 0.85
CA LEU C 112 12.58 38.77 2.26
C LEU C 112 13.21 40.14 2.48
N SER C 113 14.07 40.58 1.55
CA SER C 113 14.70 41.89 1.70
C SER C 113 13.66 43.00 1.67
N GLY C 114 12.70 42.92 0.75
CA GLY C 114 11.56 43.83 0.75
C GLY C 114 11.48 44.77 -0.44
N GLN C 115 12.36 44.68 -1.43
CA GLN C 115 12.29 45.61 -2.56
C GLN C 115 11.25 45.20 -3.60
N ALA C 116 10.65 44.02 -3.47
CA ALA C 116 9.58 43.58 -4.35
C ALA C 116 8.89 42.38 -3.75
N ASP C 117 7.55 42.42 -3.60
CA ASP C 117 6.88 41.33 -2.92
C ASP C 117 5.48 41.14 -3.50
N MET C 118 5.36 40.32 -4.53
CA MET C 118 4.11 39.62 -4.80
C MET C 118 4.37 38.23 -5.36
N ILE C 119 5.64 37.93 -5.64
CA ILE C 119 6.11 36.73 -6.34
C ILE C 119 5.02 36.02 -7.12
N VAL C 120 4.62 36.57 -8.26
CA VAL C 120 3.59 35.95 -9.10
C VAL C 120 4.32 35.07 -10.10
N ALA C 121 4.59 33.84 -9.68
CA ALA C 121 5.34 32.87 -10.49
C ALA C 121 5.03 31.48 -9.96
N PRO C 122 5.20 30.45 -10.79
CA PRO C 122 4.87 29.09 -10.32
C PRO C 122 5.97 28.47 -9.48
N LEU C 123 6.13 28.95 -8.25
CA LEU C 123 7.29 28.57 -7.46
C LEU C 123 7.33 27.10 -7.06
N THR C 124 6.55 26.75 -6.03
CA THR C 124 6.36 25.38 -5.52
C THR C 124 5.50 25.53 -4.26
N ILE C 125 5.09 24.42 -3.65
CA ILE C 125 4.66 24.41 -2.26
C ILE C 125 5.56 23.44 -1.50
N ASN C 126 6.24 23.94 -0.47
CA ASN C 126 7.23 23.16 0.24
C ASN C 126 7.07 23.35 1.74
N ASN C 127 7.39 22.31 2.50
CA ASN C 127 7.22 22.29 3.94
C ASN C 127 8.13 23.33 4.58
N GLU C 128 9.46 23.14 4.48
CA GLU C 128 10.39 24.00 5.18
C GLU C 128 10.71 25.28 4.42
N ARG C 129 10.57 25.26 3.10
CA ARG C 129 10.87 26.46 2.31
C ARG C 129 9.87 27.57 2.58
N ALA C 130 8.60 27.21 2.79
CA ALA C 130 7.54 28.16 3.10
C ALA C 130 7.27 28.26 4.59
N GLN C 131 8.28 28.06 5.43
CA GLN C 131 8.09 28.04 6.88
C GLN C 131 8.12 29.42 7.50
N TYR C 132 8.57 30.46 6.78
CA TYR C 132 8.43 31.82 7.30
C TYR C 132 7.97 32.80 6.22
N ILE C 133 7.28 32.31 5.20
CA ILE C 133 6.43 33.15 4.36
C ILE C 133 5.11 32.41 4.18
N GLU C 134 4.07 33.17 3.84
CA GLU C 134 2.72 32.63 3.73
C GLU C 134 2.36 32.47 2.26
N PHE C 135 2.06 31.25 1.85
CA PHE C 135 1.62 30.96 0.49
C PHE C 135 0.14 31.28 0.36
N SER C 136 -0.46 30.84 -0.74
CA SER C 136 -1.90 30.95 -0.96
C SER C 136 -2.41 29.62 -1.46
N LYS C 137 -3.71 29.55 -1.72
CA LYS C 137 -4.29 28.33 -2.25
C LYS C 137 -3.75 28.08 -3.66
N PRO C 138 -3.34 26.85 -3.96
CA PRO C 138 -2.74 26.57 -5.28
C PRO C 138 -3.74 26.78 -6.41
N PHE C 139 -3.23 27.22 -7.55
CA PHE C 139 -4.04 27.35 -8.75
C PHE C 139 -3.79 26.25 -9.77
N LYS C 140 -2.83 25.36 -9.53
CA LYS C 140 -2.53 24.27 -10.43
C LYS C 140 -1.61 23.29 -9.72
N TYR C 141 -1.88 22.00 -9.88
CA TYR C 141 -1.08 20.94 -9.27
C TYR C 141 -0.15 20.32 -10.31
N GLN C 142 0.84 19.58 -9.82
CA GLN C 142 1.83 18.97 -10.70
C GLN C 142 2.60 17.91 -9.93
N GLY C 143 3.46 17.19 -10.68
CA GLY C 143 4.33 16.19 -10.10
C GLY C 143 5.73 16.31 -10.66
N LEU C 144 6.64 15.52 -10.08
CA LEU C 144 8.05 15.55 -10.46
C LEU C 144 8.35 14.39 -11.40
N THR C 145 8.01 14.57 -12.67
CA THR C 145 8.27 13.55 -13.68
C THR C 145 9.61 13.80 -14.36
N ILE C 146 10.06 12.83 -15.15
CA ILE C 146 11.40 12.82 -15.73
C ILE C 146 11.29 12.70 -17.24
N LEU C 147 12.05 13.52 -17.97
CA LEU C 147 12.08 13.54 -19.42
C LEU C 147 13.39 12.94 -19.91
N VAL C 148 13.31 12.11 -20.95
CA VAL C 148 14.48 11.46 -21.53
C VAL C 148 14.45 11.58 -23.04
N LYS C 149 15.61 11.35 -23.64
CA LYS C 149 15.74 11.37 -25.09
C LYS C 149 14.98 10.21 -25.72
N LYS C 150 14.44 10.44 -26.91
CA LYS C 150 13.72 9.40 -27.64
C LYS C 150 14.61 8.20 -27.93
N ARG C 269 13.93 3.09 -21.78
CA ARG C 269 12.96 3.73 -20.92
C ARG C 269 13.34 3.58 -19.45
N ILE C 270 12.80 4.45 -18.60
CA ILE C 270 13.12 4.48 -17.18
C ILE C 270 11.86 4.19 -16.40
N THR C 271 11.95 3.23 -15.47
CA THR C 271 10.79 2.90 -14.63
C THR C 271 10.45 4.05 -13.69
N GLY C 272 11.44 4.58 -12.99
CA GLY C 272 11.22 5.66 -12.05
C GLY C 272 12.41 5.87 -11.13
N ILE C 273 12.13 6.29 -9.89
CA ILE C 273 13.21 6.53 -8.93
C ILE C 273 13.79 5.24 -8.38
N ASN C 274 13.15 4.11 -8.61
CA ASN C 274 13.65 2.80 -8.17
C ASN C 274 14.08 2.04 -9.43
N ASP C 275 15.34 2.21 -9.82
CA ASP C 275 15.89 1.64 -11.03
C ASP C 275 17.40 1.66 -10.90
N PRO C 276 18.10 0.55 -11.19
CA PRO C 276 19.53 0.51 -10.89
C PRO C 276 20.38 1.36 -11.81
N ARG C 277 19.90 1.71 -13.01
CA ARG C 277 20.62 2.69 -13.82
C ARG C 277 20.58 4.06 -13.16
N LEU C 278 19.41 4.47 -12.66
CA LEU C 278 19.29 5.74 -11.96
C LEU C 278 20.06 5.73 -10.65
N ARG C 279 19.98 4.63 -9.91
CA ARG C 279 20.62 4.56 -8.60
C ARG C 279 22.14 4.57 -8.72
N ASN C 280 22.70 3.80 -9.66
CA ASN C 280 24.18 3.81 -9.82
C ASN C 280 24.68 4.11 -11.31
N PRO C 281 25.10 5.39 -11.90
CA PRO C 281 25.57 5.24 -13.15
C PRO C 281 27.01 4.80 -12.98
N SER C 282 27.65 4.62 -14.11
CA SER C 282 29.09 4.48 -14.15
C SER C 282 29.78 5.65 -14.84
N ASP C 283 29.53 5.85 -16.14
CA ASP C 283 30.01 7.06 -16.81
C ASP C 283 29.06 7.64 -17.85
N LYS C 284 28.07 6.89 -18.34
CA LYS C 284 27.32 7.29 -19.52
C LYS C 284 25.82 7.28 -19.29
N PHE C 285 25.40 7.51 -18.05
CA PHE C 285 23.97 7.68 -17.74
C PHE C 285 23.78 8.84 -16.78
N ILE C 286 24.49 9.95 -17.04
CA ILE C 286 24.40 11.11 -16.16
C ILE C 286 23.01 11.71 -16.25
N TYR C 287 22.46 12.06 -15.09
CA TYR C 287 21.17 12.74 -14.98
C TYR C 287 21.35 13.95 -14.09
N ALA C 288 20.82 15.09 -14.53
CA ALA C 288 20.99 16.34 -13.81
C ALA C 288 19.66 17.07 -13.72
N THR C 289 19.67 18.16 -12.96
CA THR C 289 18.50 19.03 -12.84
C THR C 289 18.99 20.47 -12.82
N VAL C 290 18.04 21.40 -12.80
CA VAL C 290 18.40 22.81 -12.79
C VAL C 290 19.03 23.18 -11.46
N LYS C 291 19.97 24.13 -11.49
CA LYS C 291 20.73 24.47 -10.31
C LYS C 291 19.91 25.36 -9.37
N GLN C 292 20.03 25.09 -8.08
CA GLN C 292 19.55 25.99 -7.03
C GLN C 292 18.04 26.21 -7.14
N SER C 293 17.28 25.12 -7.01
CA SER C 293 15.84 25.18 -7.19
C SER C 293 15.18 24.29 -6.15
N SER C 294 13.87 24.04 -6.36
CA SER C 294 13.08 23.34 -5.36
C SER C 294 13.40 21.85 -5.33
N VAL C 295 13.58 21.22 -6.50
CA VAL C 295 13.83 19.79 -6.53
C VAL C 295 15.12 19.44 -5.79
N ASP C 296 16.10 20.35 -5.81
CA ASP C 296 17.33 20.13 -5.05
C ASP C 296 17.04 20.04 -3.57
N ILE C 297 16.12 20.87 -3.07
CA ILE C 297 15.77 20.84 -1.65
C ILE C 297 15.24 19.47 -1.26
N TYR C 298 14.33 18.92 -2.07
CA TYR C 298 13.69 17.66 -1.70
C TYR C 298 14.63 16.49 -1.92
N PHE C 299 15.53 16.57 -2.89
CA PHE C 299 16.51 15.50 -3.05
C PHE C 299 17.56 15.53 -1.95
N ARG C 300 17.87 16.71 -1.41
CA ARG C 300 18.82 16.80 -0.31
C ARG C 300 18.19 16.39 1.01
N ARG C 301 16.93 16.74 1.23
CA ARG C 301 16.31 16.53 2.54
C ARG C 301 16.15 15.04 2.86
N GLN C 302 15.74 14.24 1.88
CA GLN C 302 15.46 12.83 2.13
C GLN C 302 16.76 12.09 2.44
N VAL C 303 16.92 11.68 3.70
CA VAL C 303 18.08 10.87 4.07
C VAL C 303 17.99 9.49 3.44
N GLU C 304 16.77 9.01 3.18
CA GLU C 304 16.61 7.72 2.52
C GLU C 304 17.20 7.73 1.11
N LEU C 305 17.00 8.83 0.39
CA LEU C 305 17.49 9.00 -0.98
C LEU C 305 18.53 10.12 -0.96
N SER C 306 19.79 9.75 -0.70
CA SER C 306 20.86 10.73 -0.67
C SER C 306 22.12 10.28 -1.39
N THR C 307 22.16 9.06 -1.94
CA THR C 307 23.33 8.60 -2.67
C THR C 307 23.46 9.26 -4.03
N MET C 308 22.34 9.55 -4.69
CA MET C 308 22.38 10.11 -6.04
C MET C 308 22.76 11.59 -6.02
N TYR C 309 22.40 12.31 -4.96
CA TYR C 309 22.57 13.77 -4.94
C TYR C 309 24.01 14.17 -5.18
N ARG C 310 24.96 13.42 -4.63
CA ARG C 310 26.37 13.72 -4.85
C ARG C 310 26.70 13.72 -6.33
N HIS C 311 26.23 12.70 -7.05
CA HIS C 311 26.40 12.68 -8.50
C HIS C 311 25.77 13.91 -9.13
N MET C 312 24.59 14.31 -8.65
CA MET C 312 23.94 15.50 -9.17
C MET C 312 24.74 16.77 -8.91
N GLU C 313 25.65 16.75 -7.93
CA GLU C 313 26.49 17.92 -7.74
C GLU C 313 27.48 18.11 -8.88
N LYS C 314 27.72 17.06 -9.66
CA LYS C 314 28.66 17.19 -10.79
C LYS C 314 28.04 18.01 -11.92
N HIS C 315 26.79 17.73 -12.28
CA HIS C 315 26.13 18.41 -13.38
C HIS C 315 24.87 19.10 -12.87
N ASN C 316 24.74 20.40 -13.16
CA ASN C 316 23.56 21.17 -12.82
C ASN C 316 23.55 22.43 -13.65
N TYR C 317 22.46 22.68 -14.35
CA TYR C 317 22.37 23.79 -15.29
C TYR C 317 21.63 24.97 -14.67
N GLU C 318 21.85 26.15 -15.27
CA GLU C 318 21.34 27.38 -14.70
C GLU C 318 19.83 27.51 -14.90
N SER C 319 19.34 27.18 -16.09
CA SER C 319 17.93 27.37 -16.41
C SER C 319 17.42 26.14 -17.16
N ALA C 320 16.16 26.21 -17.59
CA ALA C 320 15.56 25.09 -18.30
C ALA C 320 16.02 24.99 -19.75
N ALA C 321 16.31 26.13 -20.38
CA ALA C 321 16.73 26.10 -21.78
C ALA C 321 18.04 25.35 -21.97
N GLU C 322 18.96 25.49 -21.03
CA GLU C 322 20.21 24.75 -21.10
C GLU C 322 19.96 23.24 -21.02
N ALA C 323 19.05 22.82 -20.15
CA ALA C 323 18.70 21.41 -20.07
C ALA C 323 18.05 20.93 -21.37
N ILE C 324 17.21 21.79 -21.97
CA ILE C 324 16.60 21.46 -23.26
C ILE C 324 17.68 21.20 -24.30
N GLN C 325 18.64 22.12 -24.40
CA GLN C 325 19.69 21.99 -25.41
C GLN C 325 20.59 20.79 -25.11
N ALA C 326 20.81 20.48 -23.83
CA ALA C 326 21.60 19.31 -23.49
C ALA C 326 20.89 18.03 -23.93
N VAL C 327 19.60 17.92 -23.61
CA VAL C 327 18.85 16.71 -23.97
C VAL C 327 18.78 16.56 -25.49
N ARG C 328 18.51 17.66 -26.20
CA ARG C 328 18.42 17.59 -27.64
C ARG C 328 19.76 17.21 -28.28
N ASP C 329 20.85 17.79 -27.80
CA ASP C 329 22.15 17.64 -28.45
C ASP C 329 22.97 16.54 -27.76
N ASN C 330 22.49 15.31 -27.92
CA ASN C 330 23.17 14.07 -27.52
C ASN C 330 23.90 14.23 -26.19
N LYS C 331 23.13 14.63 -25.17
CA LYS C 331 23.65 14.81 -23.82
C LYS C 331 22.48 14.69 -22.85
N LEU C 332 22.81 14.58 -21.57
CA LEU C 332 21.82 14.60 -20.49
C LEU C 332 20.76 13.52 -20.72
N HIS C 333 21.22 12.27 -20.59
CA HIS C 333 20.35 11.12 -20.83
C HIS C 333 19.03 11.21 -20.09
N ALA C 334 18.98 11.95 -18.98
CA ALA C 334 17.76 12.14 -18.23
C ALA C 334 17.64 13.60 -17.82
N PHE C 335 16.48 13.96 -17.27
CA PHE C 335 16.21 15.32 -16.81
C PHE C 335 14.96 15.31 -15.92
N ILE C 336 15.06 15.91 -14.74
CA ILE C 336 13.96 15.92 -13.78
C ILE C 336 13.53 17.35 -13.53
N TRP C 337 12.23 17.60 -13.62
CA TRP C 337 11.67 18.95 -13.52
C TRP C 337 10.19 18.83 -13.27
N ASP C 338 9.49 19.97 -13.30
CA ASP C 338 8.06 19.98 -13.01
C ASP C 338 7.28 19.27 -14.10
N SER C 339 6.04 18.90 -13.77
CA SER C 339 5.22 18.15 -14.71
C SER C 339 4.73 19.00 -15.86
N ALA C 340 4.20 20.20 -15.57
CA ALA C 340 3.57 20.99 -16.61
C ALA C 340 4.58 21.47 -17.65
N VAL C 341 5.73 21.97 -17.19
CA VAL C 341 6.75 22.45 -18.13
C VAL C 341 7.25 21.30 -18.99
N LEU C 342 7.50 20.14 -18.39
CA LEU C 342 7.98 18.99 -19.14
C LEU C 342 6.96 18.51 -20.16
N GLU C 343 5.68 18.49 -19.79
CA GLU C 343 4.65 18.04 -20.72
C GLU C 343 4.52 19.00 -21.89
N PHE C 344 4.50 20.30 -21.63
CA PHE C 344 4.45 21.25 -22.74
C PHE C 344 5.69 21.16 -23.61
N GLU C 345 6.84 20.91 -22.98
CA GLU C 345 8.09 20.75 -23.71
C GLU C 345 8.01 19.57 -24.68
N ALA C 346 7.62 18.41 -24.18
CA ALA C 346 7.48 17.23 -25.03
C ALA C 346 6.34 17.38 -26.03
N SER C 347 5.42 18.30 -25.77
CA SER C 347 4.36 18.59 -26.72
C SER C 347 4.89 19.36 -27.93
N GLN C 348 5.40 20.57 -27.69
CA GLN C 348 5.80 21.43 -28.80
C GLN C 348 7.01 20.86 -29.54
N LYS C 349 8.01 20.37 -28.80
CA LYS C 349 9.23 19.85 -29.41
C LYS C 349 9.04 18.35 -29.61
N CYS C 350 8.87 17.93 -30.85
CA CYS C 350 8.54 16.53 -31.17
C CYS C 350 9.79 15.67 -31.34
N ASP C 351 10.68 15.71 -30.35
CA ASP C 351 11.86 14.85 -30.37
C ASP C 351 12.16 14.18 -29.04
N LEU C 352 11.53 14.60 -27.94
CA LEU C 352 11.74 14.00 -26.64
C LEU C 352 10.39 13.64 -26.03
N VAL C 353 10.34 12.52 -25.32
CA VAL C 353 9.12 12.03 -24.71
C VAL C 353 9.39 11.67 -23.26
N THR C 354 8.44 11.99 -22.38
CA THR C 354 8.57 11.71 -20.96
C THR C 354 8.32 10.23 -20.67
N THR C 355 8.77 9.79 -19.51
CA THR C 355 8.56 8.41 -19.06
C THR C 355 8.68 8.38 -17.54
N GLY C 356 7.97 7.44 -16.92
CA GLY C 356 8.11 7.32 -15.47
C GLY C 356 6.91 7.91 -14.76
N GLU C 357 6.44 7.19 -13.74
CA GLU C 357 5.26 7.62 -13.00
C GLU C 357 5.60 8.76 -12.05
N LEU C 358 4.57 9.52 -11.70
CA LEU C 358 4.76 10.76 -10.95
C LEU C 358 5.12 10.49 -9.49
N PHE C 359 5.83 11.44 -8.89
CA PHE C 359 6.08 11.47 -7.46
C PHE C 359 6.19 12.91 -7.02
N PHE C 360 6.06 13.13 -5.71
CA PHE C 360 6.02 14.48 -5.13
C PHE C 360 4.87 15.29 -5.75
N ARG C 361 3.66 14.84 -5.46
CA ARG C 361 2.46 15.53 -5.91
C ARG C 361 2.25 16.78 -5.06
N SER C 362 2.32 17.95 -5.71
CA SER C 362 2.14 19.22 -5.03
C SER C 362 1.48 20.19 -6.01
N GLY C 363 1.50 21.47 -5.67
CA GLY C 363 0.88 22.48 -6.52
C GLY C 363 1.61 23.80 -6.41
N PHE C 364 1.53 24.59 -7.49
CA PHE C 364 2.15 25.90 -7.51
C PHE C 364 1.37 26.86 -6.61
N GLY C 365 1.80 28.12 -6.59
CA GLY C 365 1.08 29.11 -5.82
C GLY C 365 1.75 30.47 -5.74
N ILE C 366 0.96 31.50 -5.50
CA ILE C 366 1.48 32.85 -5.33
C ILE C 366 2.04 32.99 -3.92
N GLY C 367 2.95 33.93 -3.75
CA GLY C 367 3.60 34.12 -2.46
C GLY C 367 3.52 35.57 -2.01
N MET C 368 3.49 35.73 -0.69
CA MET C 368 3.55 37.05 -0.06
C MET C 368 4.41 36.96 1.18
N ARG C 369 4.90 38.11 1.62
CA ARG C 369 5.67 38.17 2.85
C ARG C 369 4.78 37.85 4.04
N LYS C 370 5.41 37.58 5.18
CA LYS C 370 4.68 37.18 6.38
C LYS C 370 3.66 38.23 6.79
N ASP C 371 2.38 37.87 6.67
CA ASP C 371 1.27 38.75 7.05
C ASP C 371 1.32 40.07 6.31
N SER C 372 1.40 40.00 4.98
CA SER C 372 1.20 41.18 4.17
C SER C 372 -0.30 41.52 4.13
N PRO C 373 -0.64 42.80 4.06
CA PRO C 373 -2.05 43.17 4.22
C PRO C 373 -2.90 42.95 2.98
N TRP C 374 -2.70 41.83 2.30
CA TRP C 374 -3.65 41.37 1.29
C TRP C 374 -4.16 39.97 1.58
N LYS C 375 -3.25 39.03 1.84
CA LYS C 375 -3.50 37.65 2.26
C LYS C 375 -4.87 37.09 1.91
N GLN C 376 -5.90 37.48 2.67
CA GLN C 376 -7.19 36.80 2.59
C GLN C 376 -7.82 36.97 1.22
N ASN C 377 -7.87 38.20 0.71
CA ASN C 377 -8.56 38.45 -0.55
C ASN C 377 -7.90 37.71 -1.71
N VAL C 378 -6.58 37.52 -1.66
CA VAL C 378 -5.90 36.75 -2.70
C VAL C 378 -6.43 35.32 -2.73
N SER C 379 -6.52 34.69 -1.56
CA SER C 379 -7.03 33.32 -1.49
C SER C 379 -8.49 33.25 -1.91
N LEU C 380 -9.30 34.24 -1.50
CA LEU C 380 -10.69 34.23 -1.90
C LEU C 380 -10.83 34.34 -3.42
N SER C 381 -10.05 35.22 -4.05
CA SER C 381 -10.10 35.35 -5.50
C SER C 381 -9.63 34.07 -6.18
N ILE C 382 -8.58 33.44 -5.65
CA ILE C 382 -8.07 32.20 -6.24
C ILE C 382 -9.14 31.11 -6.17
N LEU C 383 -9.80 30.98 -5.01
CA LEU C 383 -10.85 29.98 -4.87
C LEU C 383 -12.02 30.26 -5.79
N LYS C 384 -12.43 31.53 -5.90
CA LYS C 384 -13.54 31.89 -6.77
C LYS C 384 -13.21 31.60 -8.23
N SER C 385 -12.00 31.94 -8.67
CA SER C 385 -11.62 31.71 -10.05
C SER C 385 -11.32 30.25 -10.33
N HIS C 386 -11.06 29.45 -9.29
CA HIS C 386 -10.93 28.01 -9.49
C HIS C 386 -12.23 27.40 -9.99
N GLU C 387 -13.37 27.98 -9.59
CA GLU C 387 -14.67 27.59 -10.12
C GLU C 387 -14.95 28.40 -11.38
N ASN C 388 -16.19 28.37 -11.83
CA ASN C 388 -16.66 29.00 -13.07
C ASN C 388 -15.71 28.60 -14.22
N GLY C 389 -15.57 29.47 -15.23
CA GLY C 389 -14.81 29.13 -16.41
C GLY C 389 -13.46 29.78 -16.57
N PHE C 390 -12.98 30.53 -15.57
CA PHE C 390 -11.73 31.26 -15.75
C PHE C 390 -10.54 30.33 -15.86
N MET C 391 -10.31 29.51 -14.83
CA MET C 391 -9.13 28.64 -14.82
C MET C 391 -9.17 27.64 -15.96
N GLU C 392 -10.36 27.11 -16.27
CA GLU C 392 -10.48 26.19 -17.40
C GLU C 392 -10.13 26.88 -18.71
N ASP C 393 -10.62 28.12 -18.90
CA ASP C 393 -10.28 28.86 -20.09
C ASP C 393 -8.78 29.10 -20.20
N LEU C 394 -8.14 29.47 -19.08
CA LEU C 394 -6.70 29.70 -19.09
C LEU C 394 -5.95 28.43 -19.45
N ASP C 395 -6.34 27.30 -18.85
CA ASP C 395 -5.67 26.04 -19.15
C ASP C 395 -5.89 25.62 -20.59
N LYS C 396 -7.05 25.96 -21.16
CA LYS C 396 -7.32 25.59 -22.55
C LYS C 396 -6.56 26.47 -23.52
N THR C 397 -6.39 27.76 -23.21
CA THR C 397 -5.81 28.68 -24.17
C THR C 397 -4.30 28.87 -24.03
N TRP C 398 -3.72 28.50 -22.88
CA TRP C 398 -2.30 28.69 -22.67
C TRP C 398 -1.53 27.39 -22.48
N VAL C 399 -2.20 26.24 -22.44
CA VAL C 399 -1.53 24.97 -22.24
C VAL C 399 -2.02 23.99 -23.30
N ARG C 400 -1.14 23.07 -23.68
CA ARG C 400 -1.43 22.01 -24.65
C ARG C 400 -1.68 22.60 -26.04
N TYR C 401 -2.80 22.24 -26.66
CA TYR C 401 -3.02 22.48 -28.10
C TYR C 401 -1.84 21.88 -28.89
N GLN C 402 -1.73 20.56 -28.78
CA GLN C 402 -0.53 19.82 -29.15
C GLN C 402 -0.62 19.23 -30.55
N GLU C 403 0.54 18.89 -31.09
CA GLU C 403 0.65 18.25 -32.40
C GLU C 403 0.61 16.73 -32.31
N CYS C 404 1.06 16.16 -31.19
CA CYS C 404 1.11 14.71 -30.99
C CYS C 404 1.95 14.04 -32.07
N SER D 1 37.65 13.64 37.83
CA SER D 1 37.19 14.53 36.77
C SER D 1 37.12 13.79 35.42
N LYS D 2 38.17 13.03 35.11
CA LYS D 2 38.21 12.27 33.88
C LYS D 2 37.28 11.07 33.98
N LEU D 3 36.29 11.01 33.09
CA LEU D 3 35.30 9.94 33.11
C LEU D 3 35.73 8.83 32.16
N HIS D 4 35.72 7.59 32.66
CA HIS D 4 36.10 6.42 31.88
C HIS D 4 34.86 5.59 31.60
N LEU D 5 34.62 5.29 30.32
CA LEU D 5 33.45 4.54 29.90
C LEU D 5 33.86 3.48 28.90
N ARG D 6 33.18 2.34 28.93
CA ARG D 6 33.47 1.22 28.05
C ARG D 6 32.61 1.29 26.79
N VAL D 7 33.09 0.65 25.73
CA VAL D 7 32.42 0.67 24.43
C VAL D 7 32.29 -0.76 23.93
N VAL D 8 31.10 -1.12 23.47
CA VAL D 8 30.83 -2.44 22.91
C VAL D 8 30.65 -2.30 21.40
N THR D 9 31.29 -3.17 20.64
CA THR D 9 31.26 -3.08 19.19
C THR D 9 31.42 -4.47 18.58
N LEU D 10 30.70 -4.72 17.49
CA LEU D 10 30.83 -5.95 16.73
C LEU D 10 31.94 -5.81 15.70
N ILE D 11 32.00 -6.74 14.75
CA ILE D 11 32.89 -6.64 13.61
C ILE D 11 32.01 -6.66 12.37
N GLU D 12 31.63 -5.47 11.90
CA GLU D 12 30.83 -5.31 10.69
C GLU D 12 31.56 -4.36 9.75
N HIS D 13 31.64 -4.74 8.49
CA HIS D 13 32.54 -4.14 7.50
C HIS D 13 32.14 -2.69 7.18
N PRO D 14 32.86 -1.96 6.29
CA PRO D 14 33.01 -0.51 6.44
C PRO D 14 32.92 0.05 7.85
N PHE D 15 31.76 -0.07 8.49
CA PHE D 15 31.54 0.62 9.75
C PHE D 15 32.56 0.21 10.81
N VAL D 16 33.07 -1.01 10.73
CA VAL D 16 34.09 -1.52 11.66
C VAL D 16 35.02 -2.44 10.88
N PHE D 17 36.24 -2.59 11.36
CA PHE D 17 37.18 -3.55 10.79
C PHE D 17 38.04 -4.10 11.92
N THR D 18 39.09 -4.83 11.55
CA THR D 18 40.02 -5.38 12.52
C THR D 18 41.36 -5.60 11.87
N ARG D 19 42.39 -5.73 12.69
CA ARG D 19 43.76 -5.93 12.22
C ARG D 19 44.57 -6.57 13.33
N GLU D 20 45.46 -7.48 12.96
CA GLU D 20 46.33 -8.10 13.94
C GLU D 20 47.34 -7.09 14.45
N VAL D 21 47.45 -6.98 15.78
CA VAL D 21 48.32 -5.97 16.37
C VAL D 21 49.77 -6.30 16.08
N ASP D 22 50.60 -5.26 16.06
CA ASP D 22 52.02 -5.43 15.79
C ASP D 22 52.70 -6.06 17.03
N ASP D 23 53.99 -6.36 16.87
CA ASP D 23 54.75 -6.94 17.98
C ASP D 23 54.83 -5.97 19.15
N GLU D 24 55.03 -4.68 18.87
CA GLU D 24 55.14 -3.69 19.94
C GLU D 24 53.80 -3.41 20.58
N GLY D 25 52.70 -3.56 19.84
CA GLY D 25 51.38 -3.40 20.40
C GLY D 25 50.79 -2.00 20.25
N LEU D 26 50.77 -1.47 19.03
CA LEU D 26 50.15 -0.18 18.77
C LEU D 26 49.29 -0.29 17.51
N CYS D 27 48.31 0.60 17.41
CA CYS D 27 47.41 0.65 16.27
C CYS D 27 47.26 2.11 15.83
N PRO D 28 47.73 2.48 14.64
CA PRO D 28 47.51 3.86 14.17
C PRO D 28 46.03 4.10 13.88
N ALA D 29 45.51 5.21 14.38
CA ALA D 29 44.11 5.58 14.22
C ALA D 29 43.19 4.46 14.70
N GLY D 30 43.56 3.83 15.80
CA GLY D 30 42.77 2.75 16.36
C GLY D 30 43.26 2.38 17.73
N GLN D 31 42.38 1.74 18.49
CA GLN D 31 42.66 1.34 19.87
C GLN D 31 42.68 -0.18 19.98
N LEU D 32 43.46 -0.68 20.93
CA LEU D 32 43.52 -2.11 21.17
C LEU D 32 42.17 -2.62 21.66
N CYS D 33 41.75 -3.75 21.11
CA CYS D 33 40.47 -4.36 21.44
C CYS D 33 40.69 -5.76 21.97
N LEU D 34 39.93 -6.13 23.00
CA LEU D 34 40.04 -7.43 23.62
C LEU D 34 39.04 -8.41 22.99
N ASP D 35 39.18 -9.68 23.35
CA ASP D 35 38.28 -10.74 22.89
C ASP D 35 37.76 -11.51 24.10
N PRO D 36 36.89 -10.88 24.90
CA PRO D 36 36.20 -11.57 26.01
C PRO D 36 34.82 -12.15 25.66
N MET D 37 34.79 -13.33 25.05
CA MET D 37 33.49 -13.91 24.72
C MET D 37 32.81 -14.45 25.98
N THR D 38 32.58 -13.57 26.96
CA THR D 38 31.83 -13.91 28.16
C THR D 38 30.84 -12.77 28.43
N ASN D 39 29.64 -13.14 28.87
CA ASN D 39 28.61 -12.14 29.12
C ASN D 39 28.70 -11.53 30.51
N ASP D 40 29.31 -12.23 31.47
CA ASP D 40 29.34 -11.74 32.84
C ASP D 40 30.16 -10.47 32.96
N SER D 41 29.77 -9.60 33.89
CA SER D 41 30.42 -8.30 34.05
C SER D 41 31.63 -8.35 34.96
N SER D 42 31.66 -9.26 35.94
CA SER D 42 32.80 -9.35 36.83
C SER D 42 34.06 -9.77 36.08
N THR D 43 33.89 -10.68 35.10
CA THR D 43 35.16 -11.03 34.38
C THR D 43 35.61 -9.81 33.61
N LEU D 44 34.67 -9.11 32.96
CA LEU D 44 35.08 -7.91 32.25
C LEU D 44 35.79 -6.94 33.19
N ASP D 45 35.32 -6.83 34.43
CA ASP D 45 35.95 -5.93 35.39
C ASP D 45 37.39 -6.36 35.68
N SER D 46 37.59 -7.65 35.96
CA SER D 46 38.95 -8.10 36.25
C SER D 46 39.83 -8.05 35.00
N LEU D 47 39.25 -8.30 33.83
CA LEU D 47 40.02 -8.17 32.59
C LEU D 47 40.50 -6.74 32.38
N PHE D 48 39.63 -5.76 32.63
CA PHE D 48 40.04 -4.37 32.48
C PHE D 48 41.02 -3.96 33.57
N SER D 49 40.88 -4.51 34.78
CA SER D 49 41.87 -4.25 35.81
C SER D 49 43.25 -4.76 35.38
N SER D 50 43.29 -5.95 34.79
CA SER D 50 44.54 -6.45 34.23
C SER D 50 45.03 -5.57 33.08
N LEU D 51 44.10 -5.03 32.30
CA LEU D 51 44.46 -4.12 31.21
C LEU D 51 45.18 -2.89 31.75
N HIS D 52 44.68 -2.31 32.83
CA HIS D 52 45.31 -1.16 33.46
C HIS D 52 46.31 -1.56 34.54
N SER D 53 46.53 -2.85 34.73
CA SER D 53 47.47 -3.32 35.74
C SER D 53 48.92 -3.09 35.31
N SER D 54 49.80 -2.97 36.31
CA SER D 54 51.22 -2.94 36.02
C SER D 54 51.72 -4.30 35.55
N ASN D 55 51.18 -5.36 36.12
CA ASN D 55 51.56 -6.71 35.73
C ASN D 55 51.05 -7.03 34.33
N ASP D 56 51.78 -7.90 33.62
CA ASP D 56 51.46 -8.19 32.23
C ASP D 56 50.04 -8.74 32.08
N THR D 57 49.36 -8.28 31.03
CA THR D 57 47.96 -8.58 30.82
C THR D 57 47.80 -9.88 30.02
N VAL D 58 46.59 -10.14 29.55
CA VAL D 58 46.26 -11.35 28.80
C VAL D 58 47.07 -11.38 27.52
N PRO D 59 47.51 -12.56 27.02
CA PRO D 59 48.35 -12.59 25.81
C PRO D 59 47.63 -12.13 24.55
N ILE D 60 48.33 -12.26 23.41
CA ILE D 60 47.94 -11.59 22.17
C ILE D 60 46.55 -11.98 21.72
N LYS D 61 46.10 -13.19 22.08
CA LYS D 61 44.78 -13.65 21.64
C LYS D 61 43.66 -12.72 22.12
N PHE D 62 43.88 -11.98 23.19
CA PHE D 62 42.93 -11.00 23.67
C PHE D 62 43.29 -9.57 23.25
N LYS D 63 43.90 -9.41 22.08
CA LYS D 63 44.31 -8.10 21.61
C LYS D 63 44.21 -8.04 20.09
N LYS D 64 43.72 -6.92 19.58
CA LYS D 64 43.64 -6.70 18.13
C LYS D 64 43.58 -5.21 17.86
N CYS D 65 43.87 -4.85 16.61
CA CYS D 65 43.75 -3.48 16.14
C CYS D 65 42.39 -3.25 15.49
N CYS D 66 42.08 -1.99 15.20
CA CYS D 66 40.79 -1.65 14.63
C CYS D 66 40.88 -0.32 13.91
N TYR D 67 39.99 -0.14 12.94
CA TYR D 67 39.85 1.10 12.19
C TYR D 67 38.54 1.06 11.44
N GLY D 68 37.87 2.21 11.35
CA GLY D 68 36.61 2.23 10.64
C GLY D 68 35.85 3.52 10.87
N TYR D 69 34.63 3.53 10.33
CA TYR D 69 33.77 4.70 10.36
C TYR D 69 33.46 5.12 11.80
N CYS D 70 32.72 4.27 12.52
CA CYS D 70 32.31 4.64 13.86
C CYS D 70 33.50 4.80 14.79
N ILE D 71 34.61 4.12 14.50
CA ILE D 71 35.78 4.23 15.36
C ILE D 71 36.31 5.66 15.36
N ASP D 72 36.52 6.26 14.19
CA ASP D 72 37.02 7.63 14.17
C ASP D 72 35.93 8.63 14.51
N LEU D 73 34.67 8.32 14.20
CA LEU D 73 33.58 9.18 14.64
C LEU D 73 33.57 9.30 16.16
N LEU D 74 33.63 8.16 16.85
CA LEU D 74 33.67 8.18 18.31
C LEU D 74 34.98 8.78 18.83
N GLU D 75 36.08 8.62 18.09
CA GLU D 75 37.32 9.27 18.49
C GLU D 75 37.15 10.78 18.53
N LYS D 76 36.55 11.35 17.49
CA LYS D 76 36.39 12.83 17.52
C LYS D 76 35.36 13.21 18.58
N ILE D 77 34.29 12.44 18.72
CA ILE D 77 33.27 12.84 19.75
C ILE D 77 33.96 12.82 21.12
N ALA D 78 34.72 11.77 21.42
CA ALA D 78 35.34 11.68 22.73
C ALA D 78 36.39 12.77 22.92
N GLU D 79 37.10 13.13 21.86
CA GLU D 79 38.04 14.25 21.94
C GLU D 79 37.31 15.54 22.27
N ASP D 80 36.14 15.75 21.67
CA ASP D 80 35.36 16.94 21.99
C ASP D 80 34.84 16.91 23.42
N MET D 81 34.36 15.76 23.87
CA MET D 81 33.69 15.65 25.16
C MET D 81 34.63 15.31 26.30
N ASN D 82 35.94 15.23 26.05
CA ASN D 82 36.95 15.09 27.08
C ASN D 82 36.75 13.80 27.88
N PHE D 83 36.92 12.67 27.19
CA PHE D 83 36.96 11.37 27.84
C PHE D 83 37.63 10.37 26.91
N ASP D 84 38.14 9.30 27.49
CA ASP D 84 38.75 8.21 26.74
C ASP D 84 37.77 7.05 26.61
N PHE D 85 38.20 6.00 25.91
CA PHE D 85 37.32 4.87 25.65
C PHE D 85 38.13 3.61 25.47
N ASP D 86 37.48 2.48 25.69
CA ASP D 86 38.05 1.16 25.45
C ASP D 86 37.01 0.31 24.73
N LEU D 87 37.49 -0.63 23.91
CA LEU D 87 36.61 -1.41 23.05
C LEU D 87 36.93 -2.89 23.16
N TYR D 88 35.90 -3.72 22.95
CA TYR D 88 36.04 -5.17 22.88
C TYR D 88 34.88 -5.72 22.06
N ILE D 89 35.13 -6.84 21.41
CA ILE D 89 34.17 -7.37 20.42
C ILE D 89 33.22 -8.30 21.17
N VAL D 90 32.24 -7.67 21.85
CA VAL D 90 31.16 -8.29 22.62
C VAL D 90 31.48 -9.67 23.18
N GLY D 91 30.46 -10.50 23.32
CA GLY D 91 30.65 -11.90 23.65
C GLY D 91 29.96 -12.84 22.68
N ASP D 92 28.90 -12.35 22.03
CA ASP D 92 28.08 -13.15 21.12
C ASP D 92 28.18 -12.69 19.68
N GLY D 93 28.22 -11.38 19.44
CA GLY D 93 28.16 -10.87 18.09
C GLY D 93 26.83 -11.13 17.40
N LYS D 94 25.72 -10.89 18.11
CA LYS D 94 24.40 -11.27 17.61
C LYS D 94 23.39 -10.15 17.79
N TYR D 95 23.84 -8.89 17.75
CA TYR D 95 22.97 -7.73 17.86
C TYR D 95 22.10 -7.80 19.11
N GLY D 96 20.90 -8.35 18.97
CA GLY D 96 20.00 -8.50 20.10
C GLY D 96 18.56 -8.75 19.73
N ALA D 97 17.91 -9.65 20.46
CA ALA D 97 16.50 -9.97 20.21
C ALA D 97 15.92 -10.59 21.47
N TRP D 98 14.60 -10.64 21.53
CA TRP D 98 13.90 -11.24 22.66
C TRP D 98 13.95 -12.76 22.54
N LYS D 99 14.51 -13.42 23.55
CA LYS D 99 14.61 -14.87 23.56
C LYS D 99 14.76 -15.35 24.99
N ASN D 100 13.92 -16.32 25.37
CA ASN D 100 13.89 -16.90 26.72
C ASN D 100 14.00 -15.83 27.80
N GLY D 101 13.20 -14.77 27.65
CA GLY D 101 13.18 -13.70 28.62
C GLY D 101 14.19 -12.61 28.35
N HIS D 102 15.35 -12.69 29.00
CA HIS D 102 16.37 -11.67 28.84
C HIS D 102 16.87 -11.62 27.40
N TRP D 103 17.24 -10.42 26.97
CA TRP D 103 17.70 -10.21 25.60
C TRP D 103 19.08 -10.84 25.41
N THR D 104 19.62 -10.67 24.21
CA THR D 104 20.91 -11.23 23.84
C THR D 104 21.80 -10.15 23.25
N GLY D 105 23.09 -10.46 23.17
CA GLY D 105 24.02 -9.58 22.48
C GLY D 105 24.12 -8.21 23.10
N LEU D 106 24.05 -7.18 22.25
CA LEU D 106 24.24 -5.81 22.71
C LEU D 106 23.17 -5.39 23.69
N VAL D 107 21.91 -5.71 23.40
CA VAL D 107 20.83 -5.30 24.29
C VAL D 107 20.96 -5.98 25.65
N GLY D 108 21.28 -7.28 25.64
CA GLY D 108 21.46 -7.99 26.90
C GLY D 108 22.64 -7.47 27.70
N ASP D 109 23.73 -7.12 27.02
CA ASP D 109 24.90 -6.59 27.72
C ASP D 109 24.61 -5.21 28.30
N LEU D 110 23.93 -4.35 27.54
CA LEU D 110 23.65 -2.99 28.01
C LEU D 110 22.64 -3.01 29.15
N LEU D 111 21.59 -3.82 29.05
CA LEU D 111 20.59 -3.87 30.11
C LEU D 111 21.18 -4.39 31.41
N ARG D 112 22.33 -5.05 31.28
CA ARG D 112 23.07 -5.70 32.38
C ARG D 112 24.22 -4.81 32.85
N GLY D 113 24.27 -3.59 32.34
CA GLY D 113 25.24 -2.61 32.81
C GLY D 113 26.69 -2.93 32.56
N THR D 114 26.99 -3.83 31.62
CA THR D 114 28.38 -4.15 31.32
C THR D 114 29.09 -3.02 30.58
N ALA D 115 28.34 -2.10 29.97
CA ALA D 115 28.94 -1.01 29.23
C ALA D 115 27.94 0.14 29.16
N HIS D 116 28.44 1.30 28.73
CA HIS D 116 27.58 2.50 28.69
C HIS D 116 27.58 3.13 27.30
N MET D 117 28.20 2.48 26.33
CA MET D 117 28.35 3.07 25.01
C MET D 117 28.33 1.94 23.98
N ALA D 118 27.40 2.02 23.03
CA ALA D 118 27.25 1.02 21.98
C ALA D 118 27.30 1.71 20.63
N VAL D 119 28.38 1.53 19.89
CA VAL D 119 28.57 2.11 18.57
C VAL D 119 28.79 0.98 17.57
N THR D 120 27.90 0.88 16.60
CA THR D 120 27.98 -0.09 15.51
C THR D 120 26.96 0.36 14.47
N SER D 121 26.68 -0.49 13.49
CA SER D 121 25.62 -0.25 12.51
C SER D 121 24.24 -0.52 13.08
N PHE D 122 24.13 -0.48 14.42
CA PHE D 122 22.91 -0.71 15.16
C PHE D 122 21.68 -0.17 14.43
N SER D 123 20.69 -1.03 14.25
CA SER D 123 19.47 -0.65 13.55
C SER D 123 18.51 0.04 14.52
N ILE D 124 17.36 0.45 14.00
CA ILE D 124 16.33 1.11 14.78
C ILE D 124 15.07 0.27 14.72
N ASN D 125 14.60 -0.17 15.89
CA ASN D 125 13.35 -0.91 16.01
C ASN D 125 12.54 -0.34 17.17
N THR D 126 11.22 -0.29 16.97
CA THR D 126 10.35 0.22 18.02
C THR D 126 10.38 -0.68 19.25
N ALA D 127 10.40 -1.99 19.03
CA ALA D 127 10.44 -2.93 20.16
C ALA D 127 11.70 -2.73 21.00
N ARG D 128 12.84 -2.53 20.34
CA ARG D 128 14.05 -2.20 21.09
C ARG D 128 13.94 -0.81 21.73
N SER D 129 13.19 0.09 21.10
CA SER D 129 13.05 1.44 21.64
C SER D 129 12.19 1.46 22.90
N GLN D 130 11.35 0.44 23.09
CA GLN D 130 10.55 0.39 24.31
C GLN D 130 11.43 0.31 25.56
N VAL D 131 12.46 -0.52 25.53
CA VAL D 131 13.28 -0.73 26.71
C VAL D 131 14.53 0.15 26.70
N ILE D 132 15.23 0.22 25.58
CA ILE D 132 16.46 0.98 25.47
C ILE D 132 16.17 2.29 24.73
N ASP D 133 17.02 3.28 24.96
CA ASP D 133 16.84 4.60 24.36
C ASP D 133 17.77 4.78 23.17
N PHE D 134 17.33 5.60 22.22
CA PHE D 134 18.05 5.84 20.99
C PHE D 134 18.29 7.34 20.81
N THR D 135 19.35 7.68 20.10
CA THR D 135 19.70 9.06 19.82
C THR D 135 19.29 9.42 18.39
N SER D 136 19.70 10.60 17.95
CA SER D 136 19.41 11.02 16.58
C SER D 136 20.18 10.14 15.60
N PRO D 137 19.53 9.60 14.57
CA PRO D 137 20.24 8.75 13.61
C PRO D 137 21.31 9.53 12.86
N PHE D 138 22.44 8.86 12.62
CA PHE D 138 23.52 9.42 11.82
C PHE D 138 23.66 8.74 10.47
N PHE D 139 22.68 7.94 10.08
CA PHE D 139 22.67 7.24 8.80
C PHE D 139 21.27 6.71 8.56
N SER D 140 21.03 6.26 7.34
CA SER D 140 19.75 5.64 6.99
C SER D 140 19.98 4.71 5.80
N THR D 141 19.40 3.52 5.86
CA THR D 141 19.63 2.50 4.84
C THR D 141 18.45 1.55 4.81
N SER D 142 18.41 0.73 3.76
CA SER D 142 17.31 -0.22 3.57
C SER D 142 17.84 -1.64 3.42
N LEU D 143 16.95 -2.56 3.05
CA LEU D 143 17.32 -3.96 2.86
C LEU D 143 17.26 -4.33 1.39
N GLY D 144 18.22 -5.17 0.97
CA GLY D 144 18.30 -5.61 -0.40
C GLY D 144 18.46 -7.11 -0.52
N ILE D 145 18.69 -7.60 -1.74
CA ILE D 145 18.82 -9.03 -1.99
C ILE D 145 20.12 -9.27 -2.76
N LEU D 146 20.93 -10.20 -2.27
CA LEU D 146 22.20 -10.56 -2.91
C LEU D 146 22.03 -11.91 -3.62
N VAL D 147 22.35 -11.93 -4.91
CA VAL D 147 22.24 -13.15 -5.70
C VAL D 147 23.38 -13.18 -6.70
N ARG D 148 23.96 -14.37 -6.91
CA ARG D 148 24.99 -14.52 -7.91
C ARG D 148 24.43 -14.28 -9.30
N THR D 149 25.25 -13.69 -10.17
CA THR D 149 24.81 -13.39 -11.52
C THR D 149 24.83 -14.66 -12.38
N ARG D 150 24.37 -14.52 -13.61
CA ARG D 150 24.29 -15.62 -14.57
C ARG D 150 23.47 -16.79 -14.02
N GLU D 266 14.73 -11.70 -12.02
CA GLU D 266 14.28 -10.35 -11.72
C GLU D 266 13.44 -10.31 -10.44
N LEU D 267 14.08 -10.60 -9.32
CA LEU D 267 13.39 -10.60 -8.03
C LEU D 267 13.01 -9.18 -7.66
N SER D 268 11.71 -8.88 -7.70
CA SER D 268 11.23 -7.53 -7.40
C SER D 268 11.30 -7.21 -5.91
N GLY D 269 11.57 -8.18 -5.05
CA GLY D 269 11.64 -7.94 -3.62
C GLY D 269 10.83 -8.91 -2.78
N ILE D 270 9.84 -8.39 -2.07
CA ILE D 270 9.03 -9.21 -1.18
C ILE D 270 7.61 -9.41 -1.69
N HIS D 271 7.14 -8.58 -2.62
CA HIS D 271 5.76 -8.64 -3.10
C HIS D 271 5.63 -9.49 -4.36
N ASP D 272 6.48 -10.51 -4.53
CA ASP D 272 6.42 -11.30 -5.74
C ASP D 272 6.11 -12.76 -5.42
N PRO D 273 5.35 -13.45 -6.29
CA PRO D 273 5.04 -14.86 -6.04
C PRO D 273 6.25 -15.77 -6.02
N LYS D 274 7.36 -15.36 -6.65
CA LYS D 274 8.54 -16.22 -6.70
C LYS D 274 9.07 -16.54 -5.31
N LEU D 275 8.86 -15.64 -4.35
CA LEU D 275 9.40 -15.80 -3.01
C LEU D 275 8.36 -16.15 -1.95
N HIS D 276 7.12 -15.68 -2.09
CA HIS D 276 6.12 -15.90 -1.06
C HIS D 276 5.81 -17.38 -0.89
N HIS D 277 5.25 -18.02 -1.93
CA HIS D 277 5.03 -19.45 -1.75
C HIS D 277 6.25 -20.24 -2.19
N PRO D 278 6.49 -21.39 -1.58
CA PRO D 278 7.68 -22.18 -1.94
C PRO D 278 7.56 -22.79 -3.33
N SER D 279 8.30 -22.26 -4.29
CA SER D 279 8.28 -22.80 -5.65
C SER D 279 9.29 -23.94 -5.80
N GLN D 280 9.24 -24.86 -4.83
CA GLN D 280 9.97 -26.13 -4.87
C GLN D 280 11.44 -25.92 -5.22
N GLY D 281 12.14 -25.22 -4.33
CA GLY D 281 13.58 -25.10 -4.48
C GLY D 281 14.15 -23.70 -4.42
N PHE D 282 13.42 -22.74 -3.86
CA PHE D 282 13.93 -21.40 -3.65
C PHE D 282 14.19 -21.20 -2.16
N ARG D 283 15.41 -20.76 -1.84
CA ARG D 283 15.85 -20.64 -0.45
C ARG D 283 16.29 -19.21 -0.17
N PHE D 284 16.05 -18.78 1.07
CA PHE D 284 16.46 -17.45 1.52
C PHE D 284 17.28 -17.57 2.79
N GLY D 285 17.66 -16.42 3.38
CA GLY D 285 18.38 -16.41 4.62
C GLY D 285 18.92 -15.06 5.03
N THR D 286 18.76 -14.72 6.30
CA THR D 286 19.32 -13.48 6.84
C THR D 286 20.14 -13.79 8.09
N VAL D 287 20.55 -12.75 8.81
CA VAL D 287 21.19 -12.98 10.09
C VAL D 287 20.18 -13.58 11.07
N ARG D 288 20.70 -14.31 12.06
CA ARG D 288 19.85 -15.14 12.91
C ARG D 288 18.82 -14.32 13.67
N GLU D 289 19.24 -13.18 14.24
CA GLU D 289 18.35 -12.39 15.07
C GLU D 289 18.54 -10.89 14.85
N SER D 290 18.89 -10.48 13.63
CA SER D 290 19.07 -9.08 13.33
C SER D 290 17.72 -8.39 13.23
N SER D 291 17.75 -7.11 12.85
CA SER D 291 16.51 -6.35 12.68
C SER D 291 15.66 -6.92 11.56
N ALA D 292 16.28 -7.56 10.57
CA ALA D 292 15.50 -8.19 9.50
C ALA D 292 14.63 -9.31 10.03
N GLU D 293 15.16 -10.10 10.97
CA GLU D 293 14.39 -11.21 11.54
C GLU D 293 13.14 -10.70 12.25
N ASP D 294 13.28 -9.64 13.05
CA ASP D 294 12.14 -9.11 13.78
C ASP D 294 11.09 -8.54 12.83
N TYR D 295 11.51 -7.81 11.81
CA TYR D 295 10.55 -7.25 10.87
C TYR D 295 9.83 -8.36 10.11
N VAL D 296 10.57 -9.40 9.69
CA VAL D 296 9.95 -10.51 8.99
C VAL D 296 8.96 -11.22 9.89
N ARG D 297 9.32 -11.41 11.17
CA ARG D 297 8.43 -12.09 12.11
C ARG D 297 7.15 -11.29 12.33
N GLN D 298 7.26 -9.98 12.52
CA GLN D 298 6.07 -9.16 12.73
C GLN D 298 5.24 -9.03 11.46
N SER D 299 5.85 -9.17 10.28
CA SER D 299 5.08 -9.05 9.05
C SER D 299 4.37 -10.35 8.72
N PHE D 300 5.12 -11.45 8.58
CA PHE D 300 4.56 -12.75 8.22
C PHE D 300 5.43 -13.89 8.76
N PRO D 301 4.88 -14.73 9.65
CA PRO D 301 5.73 -15.73 10.34
C PRO D 301 6.00 -16.99 9.52
N GLU D 302 5.23 -17.26 8.46
CA GLU D 302 5.52 -18.45 7.66
C GLU D 302 6.90 -18.34 7.01
N MET D 303 7.22 -17.16 6.46
CA MET D 303 8.57 -16.95 5.96
C MET D 303 9.58 -16.89 7.09
N HIS D 304 9.17 -16.43 8.28
CA HIS D 304 10.08 -16.48 9.43
C HIS D 304 10.56 -17.90 9.67
N GLU D 305 9.62 -18.84 9.72
CA GLU D 305 9.99 -20.25 9.87
C GLU D 305 10.80 -20.73 8.67
N TYR D 306 10.41 -20.32 7.46
CA TYR D 306 11.08 -20.81 6.26
C TYR D 306 12.56 -20.43 6.25
N MET D 307 12.88 -19.17 6.54
CA MET D 307 14.28 -18.79 6.59
C MET D 307 14.97 -19.27 7.86
N ARG D 308 14.24 -19.42 8.98
CA ARG D 308 14.86 -20.00 10.16
C ARG D 308 15.24 -21.45 9.93
N ARG D 309 14.68 -22.08 8.90
CA ARG D 309 15.21 -23.38 8.46
C ARG D 309 16.64 -23.25 7.94
N TYR D 310 16.98 -22.16 7.24
CA TYR D 310 18.29 -22.01 6.62
C TYR D 310 18.99 -20.71 7.01
N ASN D 311 18.60 -20.09 8.13
CA ASN D 311 19.19 -18.81 8.49
C ASN D 311 20.66 -18.96 8.87
N VAL D 312 21.45 -17.96 8.51
CA VAL D 312 22.89 -17.95 8.79
C VAL D 312 23.13 -17.26 10.12
N PRO D 313 24.24 -17.54 10.81
CA PRO D 313 24.48 -16.92 12.11
C PRO D 313 25.06 -15.51 12.02
N ALA D 314 25.83 -15.23 10.97
CA ALA D 314 26.47 -13.92 10.84
C ALA D 314 26.61 -13.57 9.37
N THR D 315 26.70 -12.27 9.11
CA THR D 315 26.82 -11.79 7.72
C THR D 315 28.09 -12.27 7.03
N PRO D 316 29.31 -12.07 7.59
CA PRO D 316 30.51 -12.36 6.79
C PRO D 316 30.77 -13.85 6.65
N ASP D 317 29.72 -14.59 6.40
CA ASP D 317 29.74 -15.98 5.99
C ASP D 317 28.89 -16.21 4.74
N GLY D 318 27.75 -15.53 4.64
CA GLY D 318 26.83 -15.81 3.54
C GLY D 318 27.46 -15.68 2.18
N VAL D 319 28.42 -14.77 2.03
CA VAL D 319 29.05 -14.55 0.74
C VAL D 319 29.74 -15.82 0.24
N GLU D 320 30.27 -16.66 1.14
CA GLU D 320 31.02 -17.81 0.58
C GLU D 320 29.98 -18.83 0.17
N TYR D 321 28.82 -18.79 0.82
CA TYR D 321 27.75 -19.64 0.31
C TYR D 321 27.50 -19.35 -1.15
N LEU D 322 27.52 -18.07 -1.54
CA LEU D 322 27.36 -17.71 -2.94
C LEU D 322 28.55 -18.16 -3.78
N LYS D 323 29.67 -18.53 -3.15
CA LYS D 323 30.82 -19.09 -3.83
C LYS D 323 30.80 -20.61 -3.80
N ASN D 324 29.71 -21.21 -3.35
CA ASN D 324 29.58 -22.64 -3.15
C ASN D 324 29.05 -23.37 -4.39
N ASP D 325 28.83 -22.64 -5.50
CA ASP D 325 27.93 -23.11 -6.55
C ASP D 325 26.60 -23.37 -5.86
N PRO D 326 25.87 -22.32 -5.52
CA PRO D 326 24.96 -22.35 -4.36
C PRO D 326 23.84 -23.37 -4.43
N GLU D 327 23.91 -24.35 -3.54
CA GLU D 327 22.76 -25.15 -3.16
C GLU D 327 22.25 -24.80 -1.78
N LYS D 328 23.08 -24.10 -0.98
CA LYS D 328 22.68 -23.74 0.38
C LYS D 328 21.83 -22.47 0.40
N LEU D 329 22.40 -21.36 -0.07
CA LEU D 329 21.77 -20.05 0.02
C LEU D 329 21.68 -19.42 -1.36
N ASP D 330 20.55 -18.77 -1.65
CA ASP D 330 20.36 -18.05 -2.90
C ASP D 330 19.84 -16.64 -2.68
N ALA D 331 19.84 -16.16 -1.43
CA ALA D 331 19.41 -14.82 -1.09
C ALA D 331 19.94 -14.48 0.28
N PHE D 332 20.36 -13.23 0.46
CA PHE D 332 21.03 -12.81 1.69
C PHE D 332 20.46 -11.47 2.17
N ILE D 333 19.14 -11.39 2.31
CA ILE D 333 18.46 -10.17 2.72
C ILE D 333 19.12 -9.57 3.95
N MET D 334 19.61 -8.35 3.83
CA MET D 334 20.34 -7.66 4.91
C MET D 334 20.42 -6.18 4.54
N ASP D 335 21.15 -5.41 5.34
CA ASP D 335 21.23 -3.97 5.16
C ASP D 335 21.93 -3.61 3.85
N LYS D 336 21.58 -2.45 3.31
CA LYS D 336 22.06 -2.06 1.98
C LYS D 336 23.52 -1.62 1.98
N ALA D 337 24.01 -1.04 3.08
CA ALA D 337 25.38 -0.54 3.10
C ALA D 337 26.40 -1.67 2.95
N LEU D 338 26.30 -2.69 3.79
CA LEU D 338 27.21 -3.83 3.69
C LEU D 338 27.01 -4.58 2.38
N LEU D 339 25.76 -4.63 1.91
CA LEU D 339 25.48 -5.26 0.62
C LEU D 339 26.23 -4.55 -0.50
N ASP D 340 26.17 -3.22 -0.53
CA ASP D 340 26.85 -2.47 -1.57
C ASP D 340 28.36 -2.59 -1.45
N TYR D 341 28.87 -2.63 -0.22
CA TYR D 341 30.32 -2.81 -0.06
C TYR D 341 30.76 -4.18 -0.58
N GLU D 342 29.99 -5.22 -0.27
CA GLU D 342 30.34 -6.55 -0.78
C GLU D 342 30.19 -6.62 -2.29
N VAL D 343 29.28 -5.84 -2.86
CA VAL D 343 29.19 -5.74 -4.31
C VAL D 343 30.45 -5.10 -4.88
N SER D 344 30.90 -4.00 -4.25
CA SER D 344 32.07 -3.29 -4.73
C SER D 344 33.33 -4.15 -4.64
N ILE D 345 33.49 -4.88 -3.52
CA ILE D 345 34.66 -5.74 -3.37
C ILE D 345 34.64 -6.93 -4.30
N ASP D 346 33.50 -7.21 -4.94
CA ASP D 346 33.40 -8.32 -5.88
C ASP D 346 34.13 -8.00 -7.18
N ALA D 347 35.41 -8.34 -7.25
CA ALA D 347 36.18 -8.07 -8.46
C ALA D 347 35.63 -8.84 -9.66
N ASP D 348 35.24 -10.10 -9.45
CA ASP D 348 34.68 -10.90 -10.53
C ASP D 348 33.33 -10.38 -10.99
N CYS D 349 32.64 -9.58 -10.17
CA CYS D 349 31.38 -8.95 -10.53
C CYS D 349 30.32 -9.97 -10.93
N LYS D 350 30.30 -11.10 -10.22
CA LYS D 350 29.31 -12.15 -10.46
C LYS D 350 28.09 -12.03 -9.56
N LEU D 351 27.79 -10.82 -9.07
CA LEU D 351 26.66 -10.63 -8.18
C LEU D 351 26.24 -9.16 -8.21
N LEU D 352 24.98 -8.93 -7.86
CA LEU D 352 24.45 -7.57 -7.80
C LEU D 352 23.18 -7.58 -6.96
N THR D 353 22.85 -6.42 -6.40
CA THR D 353 21.63 -6.28 -5.61
C THR D 353 20.44 -6.02 -6.53
N VAL D 354 19.34 -6.72 -6.26
CA VAL D 354 18.13 -6.64 -7.08
C VAL D 354 16.96 -6.31 -6.17
N GLY D 355 15.93 -5.72 -6.76
CA GLY D 355 14.71 -5.46 -6.04
C GLY D 355 14.68 -4.06 -5.45
N LYS D 356 13.47 -3.50 -5.40
CA LYS D 356 13.29 -2.17 -4.85
C LYS D 356 13.51 -2.19 -3.34
N PRO D 357 14.01 -1.09 -2.77
CA PRO D 357 14.22 -1.05 -1.32
C PRO D 357 12.92 -1.17 -0.55
N PHE D 358 13.00 -1.81 0.62
CA PHE D 358 11.86 -1.98 1.50
C PHE D 358 12.32 -1.82 2.93
N ALA D 359 11.40 -1.39 3.80
CA ALA D 359 11.66 -1.21 5.23
C ALA D 359 12.84 -0.26 5.46
N ILE D 360 12.64 1.00 5.06
CA ILE D 360 13.65 2.02 5.26
C ILE D 360 13.94 2.16 6.74
N GLU D 361 15.21 2.05 7.10
CA GLU D 361 15.62 2.08 8.50
C GLU D 361 16.65 3.17 8.75
N GLY D 362 17.17 3.23 9.97
CA GLY D 362 18.21 4.17 10.32
C GLY D 362 19.13 3.57 11.35
N TYR D 363 20.28 4.20 11.52
CA TYR D 363 21.27 3.75 12.48
C TYR D 363 21.24 4.64 13.71
N GLY D 364 22.14 4.40 14.66
CA GLY D 364 22.16 5.19 15.87
C GLY D 364 23.02 4.61 16.98
N ILE D 365 23.70 5.49 17.72
CA ILE D 365 24.53 5.06 18.83
C ILE D 365 23.64 4.62 19.99
N GLY D 366 23.93 3.46 20.55
CA GLY D 366 23.15 2.93 21.65
C GLY D 366 23.60 3.48 23.00
N LEU D 367 22.63 3.64 23.89
CA LEU D 367 22.84 4.21 25.22
C LEU D 367 22.07 3.39 26.24
N PRO D 368 22.49 3.40 27.49
CA PRO D 368 21.73 2.72 28.55
C PRO D 368 20.36 3.34 28.72
N PRO D 369 19.39 2.61 29.26
CA PRO D 369 18.05 3.18 29.45
C PRO D 369 18.09 4.41 30.33
N ASN D 370 17.32 5.44 29.93
CA ASN D 370 17.22 6.72 30.63
C ASN D 370 18.58 7.26 31.05
N SER D 371 19.61 6.95 30.27
CA SER D 371 20.96 7.42 30.57
C SER D 371 21.09 8.91 30.24
N PRO D 372 21.86 9.65 31.02
CA PRO D 372 22.00 11.09 30.79
C PRO D 372 22.95 11.38 29.64
N LEU D 373 23.14 12.67 29.38
CA LEU D 373 24.08 13.20 28.40
C LEU D 373 23.76 12.77 26.97
N THR D 374 22.52 12.34 26.72
CA THR D 374 22.12 12.00 25.37
C THR D 374 21.85 13.22 24.51
N ALA D 375 21.35 14.30 25.13
CA ALA D 375 21.06 15.52 24.37
C ALA D 375 22.32 16.11 23.77
N ASN D 376 23.41 16.14 24.54
CA ASN D 376 24.66 16.68 24.03
C ASN D 376 25.18 15.85 22.84
N ILE D 377 25.10 14.52 22.95
CA ILE D 377 25.56 13.67 21.87
C ILE D 377 24.71 13.87 20.62
N SER D 378 23.38 13.95 20.79
CA SER D 378 22.51 14.15 19.64
C SER D 378 22.79 15.50 18.97
N GLU D 379 22.97 16.55 19.77
CA GLU D 379 23.27 17.87 19.20
C GLU D 379 24.61 17.86 18.49
N LEU D 380 25.61 17.19 19.05
CA LEU D 380 26.91 17.09 18.41
C LEU D 380 26.80 16.36 17.07
N ILE D 381 26.04 15.27 17.03
CA ILE D 381 25.85 14.53 15.79
C ILE D 381 25.16 15.39 14.75
N SER D 382 24.13 16.12 15.16
CA SER D 382 23.42 16.99 14.23
C SER D 382 24.34 18.08 13.68
N GLN D 383 25.14 18.71 14.55
CA GLN D 383 26.05 19.75 14.10
C GLN D 383 27.11 19.19 13.16
N TYR D 384 27.64 17.99 13.47
CA TYR D 384 28.63 17.38 12.60
C TYR D 384 28.04 17.03 11.24
N LYS D 385 26.80 16.53 11.22
CA LYS D 385 26.15 16.25 9.95
C LYS D 385 25.93 17.54 9.15
N SER D 386 25.53 18.61 9.82
CA SER D 386 25.32 19.88 9.14
C SER D 386 26.63 20.43 8.57
N HIS D 387 27.73 20.28 9.30
CA HIS D 387 29.00 20.85 8.90
C HIS D 387 29.78 19.97 7.93
N GLY D 388 29.30 18.76 7.65
CA GLY D 388 29.89 17.93 6.62
C GLY D 388 30.86 16.87 7.07
N PHE D 389 31.00 16.63 8.38
CA PHE D 389 31.87 15.55 8.85
C PHE D 389 31.36 14.20 8.36
N MET D 390 30.04 14.00 8.38
CA MET D 390 29.47 12.74 7.91
C MET D 390 29.78 12.51 6.44
N ASP D 391 29.65 13.56 5.61
CA ASP D 391 29.97 13.43 4.20
C ASP D 391 31.44 13.10 4.01
N MET D 392 32.32 13.74 4.80
CA MET D 392 33.76 13.49 4.70
C MET D 392 34.05 12.03 4.99
N LEU D 393 33.51 11.50 6.07
CA LEU D 393 33.77 10.09 6.39
C LEU D 393 33.10 9.16 5.38
N HIS D 394 31.95 9.56 4.86
CA HIS D 394 31.26 8.76 3.83
C HIS D 394 32.15 8.57 2.61
N ASP D 395 32.72 9.66 2.11
CA ASP D 395 33.59 9.53 0.95
C ASP D 395 34.96 8.97 1.31
N LYS D 396 35.34 9.03 2.59
CA LYS D 396 36.62 8.45 3.00
C LYS D 396 36.55 6.93 3.03
N TRP D 397 35.46 6.37 3.56
CA TRP D 397 35.35 4.92 3.74
C TRP D 397 34.51 4.28 2.64
N TYR D 398 33.26 4.71 2.48
CA TYR D 398 32.39 4.15 1.45
C TYR D 398 32.96 4.50 0.09
N ARG D 399 33.43 3.47 -0.61
CA ARG D 399 34.09 3.66 -1.93
C ARG D 399 33.22 3.06 -3.04
N VAL D 400 33.24 3.70 -4.22
CA VAL D 400 32.49 3.26 -5.38
C VAL D 400 33.43 2.51 -6.32
N VAL D 401 33.01 1.33 -6.76
CA VAL D 401 33.74 0.54 -7.74
C VAL D 401 32.77 0.11 -8.82
N PRO D 402 33.10 0.29 -10.10
CA PRO D 402 32.14 -0.05 -11.17
C PRO D 402 31.91 -1.55 -11.31
N CYS D 403 30.70 -1.99 -10.96
CA CYS D 403 30.32 -3.39 -11.10
C CYS D 403 28.81 -3.56 -11.09
#